data_9B6M
#
_entry.id   9B6M
#
_cell.length_a   1.00
_cell.length_b   1.00
_cell.length_c   1.00
_cell.angle_alpha   90.00
_cell.angle_beta   90.00
_cell.angle_gamma   90.00
#
_symmetry.space_group_name_H-M   'P 1'
#
loop_
_entity.id
_entity.type
_entity.pdbx_description
1 polymer 'PG1 light chain'
2 polymer 'PG1 heavy chain'
#
loop_
_entity_poly.entity_id
_entity_poly.type
_entity_poly.pdbx_seq_one_letter_code
_entity_poly.pdbx_strand_id
1 'polypeptide(L)'
;MIPINIKDFNYSDPVNNQDIILVKNEKGSFDKGFFVADKILLVPARYGNISTDEGGITSKKEKAHVDKKIYLETDSEKNE
YLKNMTTLLKRMNSYSTGNKLLNLIIKGEPIYSKDLQGKFIEQTPSRYLDTNTGKRRVNVMITGPGSNVLTKKCTHNGMG
LENDPNGKHSNGTGILSTIEFSPNYLIAYNKCVADPVLTLFHELVHSMHNLYGIAFPDNVKVPYNALKDKNLVSGEEALS
EILTFGGKDLTTEHLETLWKKLAETVIIVKDFVKTDTQAKDVFLNNLRFLSKNENIKIDTIEDIVNGTLKIKNNISNLTE
CEFCKEIGDVRIRTRYAVHSEDVTPVEVVDFKNNYKLNSGFLEGQDISKKYFITNPPKMRRRALRNFKCTIQ
;
A
2 'polypeptide(L)'
;MADIIASVDKKDVFAVSDTSYFKNFKFPSKKISDTGEVIDSTKLPQIKDTYKSSREEPIPDNDSTINVKNITTYHYLEAQ
KPKNSSIELTMVAPSKSKKPNDCVVEAINDNNKIYTPFSGTAKQFNTVVPIANTAANVITWLEAIADIFSSETGTFDKLE
RAGKETLYYIPYVGQLLSIGENVLIGDFKNALLNTGLIILLDIAPELNIPLLGAFEAYKEYKSLEEFRKAIDNVIDERNK
RWHSVYSFVAHQWYGQVNIQIEQRLNHFYQALSYQAGVIKNRVDIEYARHKEGLEEKEERKLMWASVDCIGSIEASVKEA
TKNAEKFLEKSSILYFKEEILPKVHKNLEEFDKNTLFNIYTNIDEFSNRGIAEISECKKVEADVNNGFRPIKFDFSLLTN
LMKSDSLTDEVILEKALEDALVFSLGVRNGKIQNLSKKWANLTIGTDIRVVHGRDNESIRLNSTQDSSIQIEKNTNLRFL
DSENFSLSFWIRVPRYNKFDKDKDLNNEYTIVNNMDTATKGFKISIKNGILLWTLKGTQQKTIEIPLSNTKVSDNIWRHV
AIINNKDGNCTIYVDGAQKNAVSLSGLDEITNTLPITLQLVGNKNKKQFIRLDQFNIYEKALSQTEVGKLFSSYFKDSDI
RDYWGEPLAYNKTYNMINIAYQGRGLQSTNNKISLQPKAVFDPTGDGSYIPRLYRGYDVLLQKDSQSKTTDIMPKKDDLI
NIKLKSGHNFVGFNSTIDTSQKYLKLTTALLSEVDDPKGFKLMSLKKDNWIQIKKETWMSKNGNVIPQGLVGKRSVDSDV
YLYLWDWETEKDDYSEKQWSFICQDEGWIDSDGMFTNA
;
B
#
# COMPACT_ATOMS: atom_id res chain seq x y z
N MET A 1 1.94 3.47 28.02
CA MET A 1 1.16 2.81 29.13
C MET A 1 2.11 2.30 30.23
N ILE A 2 3.16 1.59 29.84
CA ILE A 2 4.13 0.98 30.79
C ILE A 2 4.84 2.09 31.55
N PRO A 3 4.84 2.04 32.90
CA PRO A 3 5.48 3.07 33.69
C PRO A 3 7.02 3.00 33.56
N ILE A 4 7.56 3.90 32.76
CA ILE A 4 9.02 4.19 32.71
C ILE A 4 9.20 5.68 32.94
N ASN A 5 10.37 6.04 33.43
CA ASN A 5 10.70 7.44 33.76
C ASN A 5 11.97 7.82 33.00
N ILE A 6 11.92 8.98 32.35
CA ILE A 6 13.13 9.65 31.84
C ILE A 6 13.40 10.86 32.72
N LYS A 7 14.65 11.07 33.08
CA LYS A 7 15.04 12.09 34.08
C LYS A 7 15.70 13.24 33.33
N ASP A 8 15.22 14.44 33.58
CA ASP A 8 15.79 15.67 32.99
C ASP A 8 17.09 16.02 33.71
N PHE A 9 18.11 16.34 32.92
CA PHE A 9 19.43 16.75 33.44
C PHE A 9 19.69 18.19 33.04
N ASN A 10 20.80 18.70 33.55
CA ASN A 10 21.33 20.01 33.16
C ASN A 10 22.84 19.85 32.99
N TYR A 11 23.40 20.53 32.00
CA TYR A 11 24.86 20.42 31.74
C TYR A 11 25.64 21.00 32.92
N SER A 12 25.01 21.86 33.73
CA SER A 12 25.63 22.42 34.95
C SER A 12 25.69 21.38 36.07
N ASP A 13 24.88 20.33 36.00
CA ASP A 13 24.92 19.26 37.03
C ASP A 13 26.27 18.58 36.97
N PRO A 14 26.84 18.16 38.11
CA PRO A 14 28.20 17.63 38.14
C PRO A 14 28.20 16.12 37.82
N VAL A 15 29.36 15.65 37.39
CA VAL A 15 29.54 14.20 37.10
C VAL A 15 29.56 13.42 38.42
N ASN A 16 28.55 12.59 38.64
CA ASN A 16 28.43 11.74 39.85
C ASN A 16 28.84 10.30 39.54
N ASN A 17 29.23 10.02 38.29
CA ASN A 17 29.71 8.71 37.81
C ASN A 17 28.59 7.66 37.87
N GLN A 18 27.35 8.05 38.20
CA GLN A 18 26.22 7.08 38.30
C GLN A 18 25.28 7.26 37.11
N ASP A 19 24.75 8.45 36.91
CA ASP A 19 23.81 8.73 35.79
C ASP A 19 24.45 9.69 34.80
N ILE A 20 25.43 10.51 35.22
CA ILE A 20 26.15 11.43 34.30
C ILE A 20 27.58 10.95 34.20
N ILE A 21 28.01 10.61 33.00
CA ILE A 21 29.36 10.01 32.80
C ILE A 21 30.15 10.83 31.78
N LEU A 22 31.40 10.44 31.60
CA LEU A 22 32.25 10.97 30.52
C LEU A 22 32.50 9.85 29.52
N VAL A 23 32.20 10.12 28.26
CA VAL A 23 32.32 9.09 27.19
C VAL A 23 33.60 9.34 26.42
N LYS A 24 34.42 8.31 26.30
CA LYS A 24 35.61 8.36 25.43
C LYS A 24 35.13 8.36 23.97
N ASN A 25 35.64 9.31 23.19
CA ASN A 25 35.27 9.46 21.76
C ASN A 25 36.50 9.17 20.88
N GLU A 26 36.34 9.32 19.58
CA GLU A 26 37.40 9.07 18.59
C GLU A 26 38.54 10.08 18.77
N LYS A 27 38.23 11.31 19.16
CA LYS A 27 39.25 12.38 19.31
C LYS A 27 40.19 12.09 20.49
N GLY A 28 39.81 11.22 21.42
CA GLY A 28 40.60 10.90 22.61
C GLY A 28 40.24 11.78 23.79
N SER A 29 39.45 12.84 23.58
CA SER A 29 38.90 13.68 24.67
C SER A 29 37.73 12.94 25.33
N PHE A 30 37.06 13.62 26.24
CA PHE A 30 35.90 13.04 26.96
C PHE A 30 34.72 14.00 26.89
N ASP A 31 33.55 13.43 26.58
CA ASP A 31 32.30 14.20 26.43
C ASP A 31 31.38 13.81 27.56
N LYS A 32 30.80 14.80 28.21
CA LYS A 32 29.89 14.59 29.34
C LYS A 32 28.62 13.88 28.85
N GLY A 33 28.52 12.59 29.14
CA GLY A 33 27.38 11.75 28.76
C GLY A 33 26.31 11.74 29.82
N PHE A 34 25.05 11.67 29.43
CA PHE A 34 23.89 11.67 30.34
C PHE A 34 22.98 10.50 30.03
N PHE A 35 22.47 9.87 31.08
CA PHE A 35 21.54 8.72 30.96
C PHE A 35 20.14 9.22 31.20
N VAL A 36 19.54 9.82 30.18
CA VAL A 36 18.18 10.41 30.24
C VAL A 36 17.18 9.31 30.58
N ALA A 37 17.38 8.12 30.05
CA ALA A 37 16.60 6.94 30.44
C ALA A 37 17.55 5.79 30.72
N ASP A 38 17.11 4.82 31.49
CA ASP A 38 17.94 3.65 31.83
C ASP A 38 18.50 3.02 30.54
N LYS A 39 19.81 2.84 30.51
CA LYS A 39 20.54 2.24 29.36
C LYS A 39 20.35 3.07 28.09
N ILE A 40 19.89 4.32 28.22
CA ILE A 40 19.83 5.26 27.07
C ILE A 40 20.77 6.41 27.35
N LEU A 41 21.83 6.51 26.57
CA LEU A 41 22.92 7.47 26.82
C LEU A 41 22.78 8.62 25.85
N LEU A 42 22.89 9.84 26.36
CA LEU A 42 22.71 11.06 25.56
C LEU A 42 23.86 12.00 25.85
N VAL A 43 24.58 12.39 24.82
CA VAL A 43 25.72 13.33 24.95
C VAL A 43 25.44 14.54 24.07
N PRO A 44 25.55 15.76 24.63
CA PRO A 44 25.33 16.97 23.82
C PRO A 44 26.49 17.37 22.92
N ALA A 45 27.54 16.55 22.85
CA ALA A 45 28.71 16.82 22.01
C ALA A 45 28.42 16.35 20.60
N ARG A 46 28.88 17.08 19.61
CA ARG A 46 28.70 16.67 18.21
C ARG A 46 29.58 15.47 17.90
N TYR A 47 29.29 14.81 16.78
CA TYR A 47 30.06 13.65 16.31
C TYR A 47 31.47 14.07 15.91
N GLY A 48 32.37 13.10 15.83
CA GLY A 48 33.79 13.36 15.57
C GLY A 48 34.05 13.93 14.19
N ASN A 49 35.16 14.66 14.07
CA ASN A 49 35.72 15.12 12.78
C ASN A 49 34.74 16.12 12.17
N ILE A 50 34.54 17.21 12.88
CA ILE A 50 33.73 18.34 12.38
C ILE A 50 34.53 19.05 11.29
N SER A 51 33.89 19.27 10.15
CA SER A 51 34.54 19.87 8.96
C SER A 51 34.98 21.29 9.29
N THR A 52 36.17 21.67 8.84
CA THR A 52 36.73 23.02 9.05
C THR A 52 36.22 24.01 7.98
N ASP A 53 35.66 23.51 6.89
CA ASP A 53 35.22 24.36 5.75
C ASP A 53 33.71 24.44 5.74
N GLU A 54 33.18 25.66 5.59
CA GLU A 54 31.73 25.92 5.54
C GLU A 54 31.37 26.38 4.14
N GLY A 55 30.22 25.89 3.66
CA GLY A 55 29.72 26.15 2.31
C GLY A 55 30.39 25.27 1.28
N GLY A 56 30.02 25.49 0.03
CA GLY A 56 30.54 24.74 -1.13
C GLY A 56 29.44 23.89 -1.74
N ILE A 57 29.76 22.64 -2.04
CA ILE A 57 28.85 21.74 -2.77
C ILE A 57 28.57 20.55 -1.89
N THR A 58 27.33 20.14 -1.85
CA THR A 58 26.91 18.95 -1.08
C THR A 58 27.44 17.68 -1.73
N SER A 59 27.40 16.59 -0.97
CA SER A 59 27.83 15.26 -1.44
C SER A 59 26.82 14.74 -2.45
N LYS A 60 27.24 13.82 -3.29
CA LYS A 60 26.38 13.40 -4.44
C LYS A 60 25.19 12.57 -3.96
N LYS A 61 25.16 12.15 -2.70
CA LYS A 61 24.02 11.34 -2.21
C LYS A 61 22.90 12.25 -1.72
N GLU A 62 23.17 13.09 -0.74
CA GLU A 62 22.10 13.91 -0.09
C GLU A 62 21.83 15.18 -0.89
N LYS A 63 20.72 15.82 -0.59
CA LYS A 63 20.20 16.96 -1.36
C LYS A 63 20.44 18.24 -0.60
N ALA A 64 20.10 18.26 0.69
CA ALA A 64 20.26 19.46 1.53
C ALA A 64 21.39 19.19 2.51
N HIS A 65 22.40 20.06 2.49
CA HIS A 65 23.60 20.00 3.35
C HIS A 65 23.74 21.33 4.08
N VAL A 66 23.97 21.30 5.36
CA VAL A 66 24.22 22.51 6.18
C VAL A 66 25.36 22.17 7.13
N ASP A 67 26.34 23.08 7.23
CA ASP A 67 27.50 22.89 8.15
C ASP A 67 27.70 24.16 8.97
N LYS A 68 28.13 23.98 10.21
CA LYS A 68 28.34 25.08 11.17
C LYS A 68 29.30 24.61 12.25
N LYS A 69 30.51 25.17 12.27
CA LYS A 69 31.49 24.86 13.33
C LYS A 69 30.94 25.28 14.68
N ILE A 70 30.49 26.52 14.81
CA ILE A 70 30.15 27.11 16.13
C ILE A 70 28.97 26.39 16.76
N TYR A 71 28.25 25.57 16.01
CA TYR A 71 27.07 24.85 16.55
C TYR A 71 27.54 23.86 17.61
N LEU A 72 26.87 23.88 18.75
CA LEU A 72 27.06 22.92 19.85
C LEU A 72 28.53 22.88 20.29
N GLU A 73 29.08 24.06 20.61
CA GLU A 73 30.47 24.17 21.11
C GLU A 73 30.51 24.83 22.48
N THR A 74 29.43 25.47 22.94
CA THR A 74 29.40 26.15 24.24
C THR A 74 28.45 25.39 25.16
N ASP A 75 28.70 25.49 26.45
CA ASP A 75 27.95 24.72 27.46
C ASP A 75 26.49 25.17 27.50
N SER A 76 26.21 26.44 27.18
CA SER A 76 24.82 26.95 27.09
C SER A 76 24.10 26.22 25.94
N GLU A 77 24.76 26.09 24.80
CA GLU A 77 24.16 25.41 23.63
C GLU A 77 23.97 23.93 23.95
N LYS A 78 24.92 23.32 24.66
CA LYS A 78 24.82 21.88 25.05
C LYS A 78 23.66 21.70 26.01
N ASN A 79 23.48 22.62 26.93
CA ASN A 79 22.32 22.58 27.86
C ASN A 79 21.03 22.68 27.06
N GLU A 80 20.97 23.61 26.12
CA GLU A 80 19.75 23.80 25.28
C GLU A 80 19.45 22.50 24.54
N TYR A 81 20.48 21.91 23.94
CA TYR A 81 20.35 20.65 23.19
C TYR A 81 19.82 19.54 24.10
N LEU A 82 20.36 19.46 25.32
CA LEU A 82 19.98 18.38 26.25
C LEU A 82 18.53 18.55 26.65
N LYS A 83 18.10 19.77 26.93
CA LYS A 83 16.69 20.00 27.35
C LYS A 83 15.77 19.68 26.18
N ASN A 84 16.14 20.08 24.97
CA ASN A 84 15.31 19.80 23.78
C ASN A 84 15.19 18.28 23.60
N MET A 85 16.30 17.57 23.73
CA MET A 85 16.29 16.10 23.53
C MET A 85 15.44 15.44 24.62
N THR A 86 15.54 15.88 25.87
CA THR A 86 14.74 15.29 26.96
C THR A 86 13.27 15.55 26.67
N THR A 87 12.93 16.76 26.23
CA THR A 87 11.53 17.12 25.90
C THR A 87 11.03 16.21 24.77
N LEU A 88 11.83 16.03 23.73
CA LEU A 88 11.42 15.15 22.61
C LEU A 88 11.21 13.73 23.09
N LEU A 89 12.10 13.20 23.91
CA LEU A 89 11.96 11.79 24.38
C LEU A 89 10.74 11.67 25.27
N LYS A 90 10.48 12.65 26.11
CA LYS A 90 9.29 12.58 26.99
C LYS A 90 8.02 12.65 26.14
N ARG A 91 8.02 13.52 25.12
CA ARG A 91 6.82 13.65 24.25
C ARG A 91 6.58 12.32 23.55
N MET A 92 7.62 11.70 23.03
CA MET A 92 7.44 10.40 22.36
C MET A 92 7.02 9.34 23.38
N ASN A 93 7.48 9.45 24.62
CA ASN A 93 7.11 8.50 25.70
C ASN A 93 5.64 8.64 26.06
N SER A 94 5.06 9.82 25.86
CA SER A 94 3.63 10.06 26.21
C SER A 94 2.73 9.13 25.41
N TYR A 95 3.10 8.80 24.17
CA TYR A 95 2.21 8.02 23.27
C TYR A 95 2.53 6.53 23.36
N SER A 96 1.55 5.72 23.02
CA SER A 96 1.58 4.26 23.25
C SER A 96 2.67 3.60 22.41
N THR A 97 2.72 3.92 21.12
CA THR A 97 3.76 3.32 20.24
C THR A 97 5.15 3.77 20.70
N GLY A 98 5.31 5.03 21.10
CA GLY A 98 6.59 5.50 21.64
C GLY A 98 6.94 4.79 22.92
N ASN A 99 5.94 4.51 23.74
CA ASN A 99 6.15 3.79 25.01
C ASN A 99 6.64 2.37 24.71
N LYS A 100 6.06 1.72 23.72
CA LYS A 100 6.50 0.35 23.35
C LYS A 100 7.94 0.37 22.82
N LEU A 101 8.25 1.36 22.02
CA LEU A 101 9.62 1.46 21.49
C LEU A 101 10.60 1.68 22.63
N LEU A 102 10.26 2.56 23.58
CA LEU A 102 11.17 2.84 24.73
C LEU A 102 11.29 1.62 25.65
N ASN A 103 10.20 0.93 25.92
CA ASN A 103 10.31 -0.30 26.74
C ASN A 103 11.37 -1.22 26.15
N LEU A 104 11.28 -1.52 24.85
CA LEU A 104 12.24 -2.47 24.22
C LEU A 104 13.64 -1.88 24.22
N ILE A 105 13.80 -0.63 23.77
CA ILE A 105 15.16 -0.02 23.67
C ILE A 105 15.86 -0.15 25.03
N ILE A 106 15.12 0.05 26.12
CA ILE A 106 15.72 0.02 27.48
C ILE A 106 15.83 -1.44 27.96
N LYS A 107 14.77 -2.24 27.80
CA LYS A 107 14.79 -3.60 28.37
C LYS A 107 15.54 -4.56 27.46
N GLY A 108 16.00 -4.12 26.29
CA GLY A 108 16.75 -4.99 25.38
C GLY A 108 18.12 -5.33 25.88
N GLU A 109 18.72 -6.34 25.31
CA GLU A 109 20.07 -6.73 25.74
C GLU A 109 20.74 -7.49 24.64
N PRO A 110 21.87 -7.01 24.10
CA PRO A 110 22.67 -7.80 23.18
C PRO A 110 23.14 -9.08 23.86
N ILE A 111 23.21 -10.16 23.11
CA ILE A 111 23.67 -11.46 23.67
C ILE A 111 25.20 -11.46 23.70
N TYR A 112 25.74 -12.25 24.61
CA TYR A 112 27.18 -12.23 24.95
C TYR A 112 27.98 -12.76 23.77
N SER A 113 29.21 -12.30 23.69
CA SER A 113 30.16 -12.71 22.63
C SER A 113 30.94 -13.95 23.06
N LYS A 114 31.31 -14.77 22.08
CA LYS A 114 32.13 -15.97 22.31
C LYS A 114 33.57 -15.65 21.94
N ASP A 115 34.48 -15.87 22.89
CA ASP A 115 35.92 -15.59 22.71
C ASP A 115 36.55 -16.73 21.87
N LEU A 116 37.87 -16.72 21.75
CA LEU A 116 38.62 -17.79 21.04
C LEU A 116 38.48 -19.11 21.82
N GLN A 117 38.49 -19.04 23.15
CA GLN A 117 38.48 -20.25 24.01
C GLN A 117 37.12 -20.94 23.93
N GLY A 118 36.04 -20.21 23.61
CA GLY A 118 34.70 -20.79 23.40
C GLY A 118 33.72 -20.45 24.52
N LYS A 119 34.18 -19.80 25.59
CA LYS A 119 33.30 -19.40 26.72
C LYS A 119 32.83 -17.97 26.46
N PHE A 120 31.69 -17.62 27.03
CA PHE A 120 31.06 -16.30 26.77
C PHE A 120 31.67 -15.23 27.67
N ILE A 121 31.83 -14.03 27.10
CA ILE A 121 32.37 -12.84 27.80
C ILE A 121 31.26 -11.80 27.90
N GLU A 122 31.08 -11.25 29.09
CA GLU A 122 30.01 -10.27 29.37
C GLU A 122 30.44 -8.89 28.86
N GLN A 123 31.62 -8.41 29.26
CA GLN A 123 32.08 -7.03 28.92
C GLN A 123 32.58 -7.02 27.49
N THR A 124 31.74 -6.57 26.57
CA THR A 124 32.06 -6.57 25.12
C THR A 124 31.76 -5.20 24.52
N PRO A 125 32.42 -4.84 23.41
CA PRO A 125 32.08 -3.60 22.71
C PRO A 125 30.63 -3.58 22.20
N SER A 126 30.00 -4.73 21.98
CA SER A 126 28.60 -4.81 21.51
C SER A 126 27.67 -4.28 22.59
N ARG A 127 28.07 -4.32 23.85
CA ARG A 127 27.16 -3.93 24.95
C ARG A 127 27.71 -2.75 25.74
N TYR A 128 29.02 -2.48 25.67
CA TYR A 128 29.65 -1.45 26.52
C TYR A 128 30.47 -0.49 25.66
N LEU A 129 30.48 0.80 26.02
CA LEU A 129 31.30 1.81 25.32
C LEU A 129 32.25 2.47 26.36
N ASP A 130 33.55 2.31 26.15
CA ASP A 130 34.62 2.73 27.10
C ASP A 130 34.40 4.18 27.54
N THR A 131 34.57 4.45 28.84
CA THR A 131 34.55 5.81 29.44
C THR A 131 35.86 6.04 30.21
N ASN A 132 35.96 7.08 31.02
CA ASN A 132 37.23 7.39 31.73
C ASN A 132 37.34 6.50 32.98
N THR A 133 36.23 5.98 33.51
CA THR A 133 36.22 5.13 34.73
C THR A 133 36.02 3.67 34.35
N GLY A 134 36.35 3.30 33.10
CA GLY A 134 36.11 1.97 32.55
C GLY A 134 34.89 1.97 31.67
N LYS A 135 34.28 0.83 31.41
CA LYS A 135 33.14 0.73 30.47
C LYS A 135 31.85 0.96 31.23
N ARG A 136 30.74 1.01 30.50
CA ARG A 136 29.40 1.21 31.12
C ARG A 136 28.33 0.60 30.23
N ARG A 137 27.21 0.23 30.87
CA ARG A 137 26.07 -0.46 30.23
C ARG A 137 25.31 0.54 29.37
N VAL A 138 25.39 0.39 28.05
CA VAL A 138 24.71 1.30 27.09
C VAL A 138 23.94 0.46 26.07
N ASN A 139 22.77 0.96 25.66
CA ASN A 139 21.97 0.31 24.60
C ASN A 139 21.90 1.21 23.39
N VAL A 140 21.65 2.49 23.59
CA VAL A 140 21.60 3.44 22.46
C VAL A 140 22.31 4.72 22.89
N MET A 141 23.06 5.32 21.97
CA MET A 141 23.74 6.62 22.20
C MET A 141 23.17 7.67 21.25
N ILE A 142 22.84 8.83 21.81
CA ILE A 142 22.31 9.97 21.05
C ILE A 142 23.36 11.07 21.12
N THR A 143 23.70 11.62 19.97
CA THR A 143 24.76 12.65 19.86
C THR A 143 24.20 13.86 19.14
N GLY A 144 25.07 14.80 18.85
CA GLY A 144 24.76 15.91 17.97
C GLY A 144 25.04 15.52 16.54
N PRO A 145 24.73 16.41 15.60
CA PRO A 145 24.97 16.11 14.20
C PRO A 145 26.47 16.11 13.91
N GLY A 146 26.81 15.45 12.81
CA GLY A 146 28.18 15.42 12.29
C GLY A 146 28.61 16.74 11.67
N SER A 147 29.43 16.66 10.63
CA SER A 147 29.78 17.83 9.79
C SER A 147 28.51 18.39 9.16
N ASN A 148 27.65 17.52 8.64
CA ASN A 148 26.34 17.91 8.08
C ASN A 148 25.34 18.11 9.21
N VAL A 149 24.98 19.35 9.50
CA VAL A 149 24.12 19.66 10.66
C VAL A 149 22.74 19.07 10.40
N LEU A 150 22.33 18.96 9.15
CA LEU A 150 20.98 18.41 8.87
C LEU A 150 20.92 16.91 9.15
N THR A 151 22.04 16.20 9.13
CA THR A 151 22.03 14.72 9.08
C THR A 151 21.28 14.18 10.30
N LYS A 152 20.55 13.10 10.09
CA LYS A 152 19.84 12.35 11.16
C LYS A 152 19.85 10.88 10.77
N LYS A 153 20.84 10.14 11.22
CA LYS A 153 20.97 8.73 10.85
C LYS A 153 21.45 7.94 12.06
N CYS A 154 21.18 6.65 12.04
CA CYS A 154 21.54 5.73 13.13
C CYS A 154 22.66 4.83 12.62
N THR A 155 23.81 4.87 13.28
CA THR A 155 24.98 4.05 12.91
C THR A 155 25.43 3.23 14.12
N HIS A 156 26.06 2.09 13.84
CA HIS A 156 26.52 1.10 14.84
C HIS A 156 27.89 0.57 14.43
N ASN A 157 28.39 -0.41 15.17
CA ASN A 157 29.74 -0.97 14.95
C ASN A 157 29.65 -2.33 14.25
N GLY A 158 28.43 -2.81 13.93
CA GLY A 158 28.21 -4.15 13.37
C GLY A 158 27.54 -4.09 12.00
N MET A 159 28.23 -4.47 10.94
CA MET A 159 27.66 -4.37 9.58
C MET A 159 28.15 -5.56 8.77
N GLY A 160 27.37 -5.93 7.76
CA GLY A 160 27.68 -7.07 6.87
C GLY A 160 29.02 -6.90 6.17
N LEU A 161 29.95 -7.84 6.39
CA LEU A 161 31.32 -7.75 5.85
C LEU A 161 31.30 -8.01 4.33
N GLU A 162 30.55 -9.01 3.88
CA GLU A 162 30.54 -9.41 2.45
C GLU A 162 29.37 -8.76 1.72
N ASN A 163 28.89 -7.60 2.19
CA ASN A 163 27.76 -6.86 1.57
C ASN A 163 26.54 -7.79 1.50
N ASP A 164 26.34 -8.59 2.54
CA ASP A 164 25.27 -9.61 2.58
C ASP A 164 24.54 -9.52 3.91
N PRO A 165 23.26 -9.96 3.97
CA PRO A 165 22.48 -9.87 5.20
C PRO A 165 22.95 -10.86 6.28
N ASN A 166 24.15 -10.67 6.81
CA ASN A 166 24.67 -11.53 7.91
C ASN A 166 25.43 -10.70 8.94
N GLY A 167 25.20 -9.39 8.96
CA GLY A 167 25.92 -8.47 9.85
C GLY A 167 25.57 -8.68 11.31
N LYS A 168 26.35 -8.08 12.19
CA LYS A 168 26.14 -8.22 13.63
C LYS A 168 24.78 -7.60 14.01
N HIS A 169 24.29 -6.67 13.23
CA HIS A 169 23.00 -6.02 13.52
C HIS A 169 21.85 -6.77 12.85
N SER A 170 22.10 -7.88 12.17
CA SER A 170 21.05 -8.57 11.40
C SER A 170 20.93 -10.06 11.73
N ASN A 171 21.88 -10.64 12.46
CA ASN A 171 21.95 -12.10 12.65
C ASN A 171 21.40 -12.50 14.00
N GLY A 172 20.79 -11.56 14.72
CA GLY A 172 20.18 -11.87 16.02
C GLY A 172 21.11 -11.55 17.18
N THR A 173 22.40 -11.38 16.93
CA THR A 173 23.33 -10.84 17.94
C THR A 173 23.00 -9.36 18.14
N GLY A 174 22.91 -8.92 19.38
CA GLY A 174 22.63 -7.50 19.63
C GLY A 174 23.81 -6.60 19.30
N ILE A 175 23.53 -5.31 19.13
CA ILE A 175 24.56 -4.25 19.07
C ILE A 175 23.97 -2.93 19.57
N LEU A 176 24.83 -2.07 20.08
CA LEU A 176 24.41 -0.72 20.53
C LEU A 176 24.60 0.25 19.37
N SER A 177 23.65 1.18 19.22
CA SER A 177 23.65 2.12 18.08
C SER A 177 23.90 3.54 18.57
N THR A 178 24.64 4.30 17.78
CA THR A 178 24.90 5.73 18.04
C THR A 178 24.06 6.54 17.06
N ILE A 179 23.28 7.49 17.58
CA ILE A 179 22.38 8.34 16.76
C ILE A 179 22.85 9.78 16.81
N GLU A 180 23.06 10.37 15.63
CA GLU A 180 23.42 11.81 15.49
C GLU A 180 22.16 12.56 15.11
N PHE A 181 21.51 13.17 16.09
CA PHE A 181 20.22 13.87 15.89
C PHE A 181 20.34 15.28 16.40
N SER A 182 19.64 16.21 15.75
CA SER A 182 19.69 17.65 16.07
C SER A 182 18.27 18.18 16.10
N PRO A 183 17.71 18.51 17.28
CA PRO A 183 16.36 19.05 17.35
C PRO A 183 16.25 20.42 16.68
N ASN A 184 17.31 21.21 16.73
CA ASN A 184 17.26 22.63 16.30
C ASN A 184 17.26 22.76 14.77
N TYR A 185 17.71 21.74 14.04
CA TYR A 185 17.77 21.82 12.56
C TYR A 185 16.81 20.80 11.98
N LEU A 186 15.94 21.22 11.08
CA LEU A 186 14.92 20.34 10.46
C LEU A 186 14.92 20.53 8.96
N ILE A 187 14.60 19.46 8.23
CA ILE A 187 14.37 19.55 6.77
C ILE A 187 12.88 19.71 6.56
N ALA A 188 12.50 20.65 5.72
CA ALA A 188 11.10 20.87 5.31
C ALA A 188 10.82 20.11 4.03
N TYR A 189 9.69 19.42 3.99
CA TYR A 189 9.26 18.64 2.80
C TYR A 189 7.98 19.27 2.25
N ASN A 190 8.09 19.97 1.11
CA ASN A 190 6.93 20.61 0.45
C ASN A 190 6.29 21.55 1.48
N LYS A 191 7.02 22.62 1.80
CA LYS A 191 6.52 23.80 2.55
C LYS A 191 6.06 23.41 3.96
N CYS A 192 6.41 22.23 4.46
CA CYS A 192 6.12 21.86 5.85
C CYS A 192 7.32 21.19 6.47
N VAL A 193 7.68 21.61 7.66
CA VAL A 193 8.84 21.05 8.40
C VAL A 193 8.38 19.77 9.11
N ALA A 194 9.23 18.76 9.08
CA ALA A 194 9.00 17.49 9.80
C ALA A 194 9.01 17.77 11.30
N ASP A 195 8.09 17.14 12.02
CA ASP A 195 8.12 17.22 13.50
C ASP A 195 9.30 16.38 14.01
N PRO A 196 10.21 16.96 14.81
CA PRO A 196 11.40 16.24 15.23
C PRO A 196 11.06 15.00 16.06
N VAL A 197 9.90 14.95 16.71
CA VAL A 197 9.55 13.73 17.50
C VAL A 197 9.41 12.52 16.56
N LEU A 198 8.83 12.74 15.39
CA LEU A 198 8.67 11.63 14.43
C LEU A 198 10.04 11.15 13.95
N THR A 199 10.96 12.05 13.62
CA THR A 199 12.28 11.66 13.11
C THR A 199 13.06 10.97 14.21
N LEU A 200 12.94 11.44 15.44
CA LEU A 200 13.63 10.77 16.55
C LEU A 200 13.04 9.37 16.74
N PHE A 201 11.71 9.21 16.56
CA PHE A 201 11.05 7.89 16.65
C PHE A 201 11.58 6.97 15.56
N HIS A 202 11.76 7.51 14.36
CA HIS A 202 12.33 6.75 13.22
C HIS A 202 13.71 6.21 13.63
N GLU A 203 14.55 7.11 14.08
CA GLU A 203 15.92 6.72 14.44
C GLU A 203 15.92 5.71 15.58
N LEU A 204 15.02 5.85 16.54
CA LEU A 204 15.00 4.92 17.68
C LEU A 204 14.46 3.58 17.25
N VAL A 205 13.55 3.52 16.27
CA VAL A 205 13.10 2.22 15.73
C VAL A 205 14.30 1.55 15.07
N HIS A 206 15.12 2.29 14.36
CA HIS A 206 16.32 1.71 13.74
C HIS A 206 17.23 1.21 14.85
N SER A 207 17.39 2.00 15.90
CA SER A 207 18.27 1.63 17.04
C SER A 207 17.78 0.31 17.66
N MET A 208 16.47 0.19 17.89
CA MET A 208 15.85 -1.03 18.49
C MET A 208 16.05 -2.24 17.55
N HIS A 209 15.89 -2.07 16.25
CA HIS A 209 16.14 -3.18 15.28
C HIS A 209 17.61 -3.61 15.42
N ASN A 210 18.53 -2.65 15.51
CA ASN A 210 19.96 -2.99 15.64
C ASN A 210 20.15 -3.69 16.97
N LEU A 211 19.48 -3.23 18.02
CA LEU A 211 19.70 -3.75 19.39
C LEU A 211 19.33 -5.23 19.43
N TYR A 212 18.24 -5.65 18.82
CA TYR A 212 17.76 -7.06 18.97
C TYR A 212 18.29 -7.98 17.87
N GLY A 213 19.08 -7.44 16.96
CA GLY A 213 19.71 -8.22 15.91
C GLY A 213 18.72 -8.63 14.84
N ILE A 214 17.58 -7.95 14.75
CA ILE A 214 16.52 -8.34 13.77
C ILE A 214 16.41 -7.28 12.69
N ALA A 215 17.42 -6.43 12.53
CA ALA A 215 17.32 -5.30 11.60
C ALA A 215 17.45 -5.76 10.15
N PHE A 216 16.80 -5.03 9.25
CA PHE A 216 17.03 -5.17 7.81
C PHE A 216 18.45 -4.69 7.54
N PRO A 217 19.26 -5.46 6.79
CA PRO A 217 20.65 -5.07 6.55
C PRO A 217 20.77 -3.69 5.89
N ASP A 218 21.70 -2.87 6.37
CA ASP A 218 21.95 -1.52 5.81
C ASP A 218 22.93 -1.61 4.65
N ASN A 219 23.47 -2.79 4.38
CA ASN A 219 24.31 -3.01 3.18
C ASN A 219 23.41 -3.10 1.94
N VAL A 220 22.09 -2.97 2.08
CA VAL A 220 21.15 -2.97 0.92
C VAL A 220 20.63 -1.55 0.73
N LYS A 221 20.88 -1.00 -0.45
CA LYS A 221 20.31 0.29 -0.91
C LYS A 221 20.32 0.27 -2.43
N VAL A 222 19.46 1.07 -3.05
CA VAL A 222 19.48 1.15 -4.53
C VAL A 222 20.05 2.51 -4.87
N PRO A 223 21.21 2.58 -5.54
CA PRO A 223 21.74 3.85 -6.00
C PRO A 223 20.86 4.36 -7.16
N TYR A 224 20.80 5.68 -7.33
CA TYR A 224 20.13 6.30 -8.50
C TYR A 224 21.22 6.79 -9.42
N ASN A 225 21.21 6.29 -10.64
CA ASN A 225 22.24 6.62 -11.65
C ASN A 225 21.66 7.60 -12.65
N ALA A 226 21.89 8.88 -12.46
CA ALA A 226 21.39 9.87 -13.43
C ALA A 226 21.92 9.47 -14.80
N LEU A 227 21.05 9.42 -15.80
CA LEU A 227 21.38 8.96 -17.16
C LEU A 227 21.93 7.53 -17.15
N LYS A 228 21.71 6.80 -16.05
CA LYS A 228 22.07 5.36 -15.90
C LYS A 228 23.56 5.17 -16.20
N ASP A 229 24.41 5.76 -15.36
CA ASP A 229 25.85 5.42 -15.33
C ASP A 229 26.31 5.44 -13.87
N LYS A 230 27.31 4.63 -13.56
CA LYS A 230 27.71 4.35 -12.16
C LYS A 230 28.29 5.63 -11.54
N ASN A 231 29.12 6.36 -12.28
CA ASN A 231 29.91 7.49 -11.72
C ASN A 231 28.96 8.62 -11.34
N LEU A 232 27.83 8.78 -12.03
CA LEU A 232 26.88 9.87 -11.74
C LEU A 232 25.75 9.33 -10.87
N VAL A 233 25.80 9.64 -9.58
CA VAL A 233 24.75 9.24 -8.64
C VAL A 233 24.15 10.50 -8.05
N SER A 234 22.85 10.65 -8.18
CA SER A 234 22.11 11.85 -7.72
C SER A 234 21.53 11.60 -6.34
N GLY A 235 21.53 10.33 -5.89
CA GLY A 235 20.90 9.94 -4.62
C GLY A 235 20.71 8.45 -4.52
N GLU A 236 20.36 7.96 -3.34
CA GLU A 236 20.20 6.51 -3.10
C GLU A 236 18.93 6.29 -2.30
N GLU A 237 18.29 5.17 -2.57
CA GLU A 237 17.04 4.76 -1.92
C GLU A 237 17.38 3.67 -0.91
N ALA A 238 17.65 4.07 0.33
CA ALA A 238 18.03 3.12 1.41
C ALA A 238 16.77 2.40 1.84
N LEU A 239 16.62 1.14 1.42
CA LEU A 239 15.43 0.32 1.78
C LEU A 239 15.43 0.22 3.28
N SER A 240 16.60 0.08 3.89
CA SER A 240 16.68 -0.14 5.35
C SER A 240 15.83 0.89 6.09
N GLU A 241 15.94 2.18 5.75
CA GLU A 241 15.20 3.21 6.53
C GLU A 241 13.81 3.45 5.96
N ILE A 242 13.58 3.23 4.67
CA ILE A 242 12.22 3.41 4.06
C ILE A 242 11.25 2.55 4.88
N LEU A 243 11.53 1.25 4.93
CA LEU A 243 10.68 0.25 5.60
C LEU A 243 10.35 0.74 7.00
N THR A 244 11.31 1.31 7.70
CA THR A 244 11.04 1.89 9.03
C THR A 244 10.03 3.01 8.89
N PHE A 245 10.15 3.80 7.84
CA PHE A 245 9.14 4.82 7.49
C PHE A 245 7.84 4.10 7.16
N GLY A 246 6.73 4.78 7.30
CA GLY A 246 5.45 4.21 6.83
C GLY A 246 5.18 4.69 5.41
N GLY A 247 4.16 5.55 5.28
CA GLY A 247 3.87 6.24 4.02
C GLY A 247 3.55 5.25 2.92
N LYS A 248 3.85 5.60 1.68
CA LYS A 248 3.37 4.84 0.50
C LYS A 248 4.53 4.42 -0.38
N ASP A 249 5.76 4.61 0.06
CA ASP A 249 6.92 4.36 -0.83
C ASP A 249 6.96 2.86 -1.18
N LEU A 250 7.33 2.58 -2.42
CA LEU A 250 7.25 1.20 -2.96
C LEU A 250 8.58 0.48 -2.73
N THR A 251 8.55 -0.63 -2.00
CA THR A 251 9.75 -1.46 -1.71
C THR A 251 9.40 -2.93 -1.83
N THR A 252 10.33 -3.72 -2.34
CA THR A 252 10.07 -5.13 -2.63
C THR A 252 10.02 -5.92 -1.32
N GLU A 253 11.11 -5.90 -0.57
CA GLU A 253 11.19 -6.66 0.70
C GLU A 253 10.57 -5.81 1.80
N HIS A 254 9.27 -5.97 2.03
CA HIS A 254 8.58 -5.26 3.13
C HIS A 254 9.07 -5.76 4.49
N LEU A 255 8.61 -5.11 5.55
CA LEU A 255 8.99 -5.51 6.92
C LEU A 255 8.25 -6.79 7.31
N GLU A 256 7.02 -6.96 6.88
CA GLU A 256 6.26 -8.21 7.13
C GLU A 256 6.94 -9.34 6.40
N THR A 257 7.45 -9.13 5.20
CA THR A 257 8.27 -10.13 4.48
C THR A 257 9.51 -10.39 5.32
N LEU A 258 10.06 -9.34 5.91
CA LEU A 258 11.18 -9.47 6.88
C LEU A 258 10.65 -10.16 8.14
N TRP A 259 11.48 -10.91 8.84
CA TRP A 259 11.10 -11.66 10.06
C TRP A 259 10.57 -13.06 9.70
N LYS A 260 10.39 -13.36 8.42
CA LYS A 260 10.22 -14.76 8.01
C LYS A 260 11.51 -15.49 8.38
N LYS A 261 12.62 -14.79 8.18
CA LYS A 261 13.97 -15.25 8.55
C LYS A 261 14.07 -15.43 10.08
N LEU A 262 13.29 -14.69 10.86
CA LEU A 262 13.41 -14.71 12.34
C LEU A 262 13.35 -16.16 12.82
N ALA A 263 12.42 -16.94 12.28
CA ALA A 263 12.35 -18.37 12.64
C ALA A 263 13.75 -18.98 12.49
N GLU A 264 14.44 -18.70 11.41
CA GLU A 264 15.77 -19.31 11.15
C GLU A 264 16.85 -18.57 11.93
N THR A 265 16.72 -17.27 12.10
CA THR A 265 17.68 -16.49 12.91
C THR A 265 17.60 -16.98 14.36
N VAL A 266 16.40 -17.20 14.87
CA VAL A 266 16.21 -17.70 16.25
C VAL A 266 16.82 -19.08 16.40
N ILE A 267 16.61 -19.94 15.42
CA ILE A 267 17.21 -21.29 15.45
C ILE A 267 18.74 -21.16 15.50
N ILE A 268 19.32 -20.31 14.64
CA ILE A 268 20.80 -20.16 14.53
C ILE A 268 21.34 -19.68 15.88
N VAL A 269 20.73 -18.66 16.46
CA VAL A 269 21.24 -18.08 17.73
C VAL A 269 21.02 -19.07 18.88
N LYS A 270 19.94 -19.83 18.84
CA LYS A 270 19.71 -20.83 19.89
C LYS A 270 20.81 -21.89 19.81
N ASP A 271 21.17 -22.32 18.60
CA ASP A 271 22.28 -23.30 18.42
C ASP A 271 23.56 -22.65 18.99
N PHE A 272 23.81 -21.41 18.65
CA PHE A 272 25.06 -20.71 19.02
C PHE A 272 25.14 -20.50 20.54
N VAL A 273 24.00 -20.43 21.21
CA VAL A 273 23.97 -20.12 22.66
C VAL A 273 23.88 -21.40 23.50
N LYS A 274 23.49 -22.54 22.94
CA LYS A 274 23.09 -23.74 23.71
C LYS A 274 24.16 -24.12 24.76
N THR A 275 25.41 -23.73 24.55
CA THR A 275 26.54 -24.13 25.43
C THR A 275 26.33 -23.58 26.84
N ASP A 276 25.90 -22.33 26.96
CA ASP A 276 25.85 -21.64 28.27
C ASP A 276 24.40 -21.37 28.67
N THR A 277 24.17 -21.23 29.98
CA THR A 277 22.82 -21.04 30.55
C THR A 277 22.52 -19.55 30.59
N GLN A 278 23.42 -18.76 31.16
CA GLN A 278 23.16 -17.31 31.35
C GLN A 278 22.91 -16.68 29.98
N ALA A 279 23.74 -17.00 28.99
CA ALA A 279 23.60 -16.49 27.61
C ALA A 279 22.22 -16.88 27.05
N LYS A 280 21.83 -18.13 27.28
CA LYS A 280 20.51 -18.63 26.84
C LYS A 280 19.42 -17.78 27.48
N ASP A 281 19.55 -17.51 28.77
CA ASP A 281 18.51 -16.78 29.51
C ASP A 281 18.35 -15.40 28.86
N VAL A 282 19.46 -14.74 28.53
CA VAL A 282 19.35 -13.35 28.00
C VAL A 282 18.55 -13.45 26.69
N PHE A 283 18.90 -14.42 25.84
CA PHE A 283 18.26 -14.55 24.52
C PHE A 283 16.77 -14.79 24.71
N LEU A 284 16.44 -15.68 25.64
CA LEU A 284 15.02 -16.01 25.92
C LEU A 284 14.31 -14.75 26.45
N ASN A 285 14.93 -13.98 27.31
CA ASN A 285 14.30 -12.75 27.86
C ASN A 285 14.16 -11.76 26.71
N ASN A 286 15.25 -11.53 25.99
CA ASN A 286 15.20 -10.71 24.77
C ASN A 286 13.95 -11.08 23.96
N LEU A 287 13.77 -12.38 23.72
CA LEU A 287 12.60 -12.85 22.93
C LEU A 287 11.29 -12.56 23.66
N ARG A 288 11.23 -12.70 24.97
CA ARG A 288 10.02 -12.36 25.75
C ARG A 288 9.70 -10.87 25.61
N PHE A 289 10.71 -10.02 25.55
CA PHE A 289 10.47 -8.57 25.44
C PHE A 289 10.03 -8.24 24.02
N LEU A 290 10.55 -8.97 23.03
CA LEU A 290 10.18 -8.67 21.63
C LEU A 290 8.72 -9.02 21.39
N SER A 291 8.25 -10.20 21.86
CA SER A 291 6.83 -10.62 21.77
C SER A 291 6.11 -10.28 23.08
N LYS A 292 5.37 -9.19 23.10
CA LYS A 292 4.85 -8.57 24.33
C LYS A 292 4.20 -9.63 25.21
N ASN A 293 4.60 -9.67 26.48
CA ASN A 293 3.96 -10.43 27.59
C ASN A 293 3.68 -11.86 27.12
N GLU A 294 4.73 -12.60 26.79
CA GLU A 294 4.58 -13.94 26.21
C GLU A 294 5.04 -15.02 27.19
N ASN A 295 6.23 -14.88 27.78
CA ASN A 295 6.83 -16.02 28.53
C ASN A 295 6.95 -17.21 27.57
N ILE A 296 7.78 -17.00 26.57
CA ILE A 296 7.88 -17.88 25.38
C ILE A 296 8.57 -19.18 25.77
N LYS A 297 8.50 -20.14 24.87
CA LYS A 297 9.36 -21.34 24.88
C LYS A 297 9.96 -21.49 23.49
N ILE A 298 11.21 -21.89 23.40
CA ILE A 298 11.87 -22.08 22.08
C ILE A 298 12.51 -23.47 22.02
N ASP A 299 11.92 -24.44 22.71
CA ASP A 299 12.48 -25.81 22.79
C ASP A 299 12.40 -26.49 21.43
N THR A 300 11.24 -26.45 20.80
CA THR A 300 10.99 -27.15 19.52
C THR A 300 10.77 -26.12 18.41
N ILE A 301 10.74 -26.60 17.17
CA ILE A 301 10.62 -25.70 15.98
C ILE A 301 9.24 -25.03 15.97
N GLU A 302 8.19 -25.74 16.37
CA GLU A 302 6.81 -25.20 16.29
C GLU A 302 6.64 -24.03 17.27
N ASP A 303 7.19 -24.17 18.47
CA ASP A 303 7.10 -23.09 19.48
C ASP A 303 7.92 -21.90 18.96
N ILE A 304 9.05 -22.17 18.32
CA ILE A 304 9.92 -21.08 17.78
C ILE A 304 9.11 -20.33 16.73
N VAL A 305 8.46 -21.05 15.84
CA VAL A 305 7.72 -20.39 14.73
C VAL A 305 6.57 -19.60 15.31
N ASN A 306 5.86 -20.15 16.28
CA ASN A 306 4.75 -19.42 16.94
C ASN A 306 5.29 -18.11 17.55
N GLY A 307 6.41 -18.19 18.26
CA GLY A 307 7.02 -17.01 18.89
C GLY A 307 7.46 -15.96 17.87
N THR A 308 8.01 -16.41 16.76
CA THR A 308 8.45 -15.47 15.70
C THR A 308 7.23 -14.77 15.13
N LEU A 309 6.14 -15.50 14.90
CA LEU A 309 4.90 -14.88 14.42
C LEU A 309 4.42 -13.85 15.43
N LYS A 310 4.49 -14.17 16.74
CA LYS A 310 4.01 -13.25 17.81
C LYS A 310 4.85 -11.98 17.75
N ILE A 311 6.17 -12.14 17.57
CA ILE A 311 7.11 -10.97 17.51
C ILE A 311 6.72 -10.11 16.30
N LYS A 312 6.56 -10.72 15.14
CA LYS A 312 6.26 -9.97 13.89
C LYS A 312 5.00 -9.17 14.19
N ASN A 313 3.95 -9.82 14.64
CA ASN A 313 2.67 -9.11 14.89
C ASN A 313 2.89 -7.99 15.92
N ASN A 314 3.78 -8.16 16.89
CA ASN A 314 3.98 -7.17 17.96
C ASN A 314 4.69 -5.93 17.42
N ILE A 315 5.77 -6.09 16.68
CA ILE A 315 6.64 -4.93 16.28
C ILE A 315 6.47 -4.65 14.79
N SER A 316 5.31 -4.89 14.21
CA SER A 316 5.06 -4.53 12.79
C SER A 316 4.44 -3.15 12.75
N ASN A 317 3.86 -2.72 13.87
CA ASN A 317 3.11 -1.45 13.95
C ASN A 317 3.96 -0.38 14.62
N LEU A 318 5.29 -0.46 14.51
CA LEU A 318 6.21 0.59 14.97
C LEU A 318 6.85 1.22 13.75
N THR A 319 6.19 2.23 13.21
CA THR A 319 6.66 2.94 12.00
C THR A 319 6.41 4.42 12.15
N GLU A 320 7.03 5.20 11.27
CA GLU A 320 6.84 6.66 11.24
C GLU A 320 5.35 7.00 11.06
N CYS A 321 4.72 6.48 10.00
CA CYS A 321 3.35 6.88 9.65
C CYS A 321 2.40 6.34 10.71
N GLU A 322 2.70 5.19 11.31
CA GLU A 322 1.85 4.65 12.39
C GLU A 322 1.95 5.59 13.59
N PHE A 323 3.13 6.09 13.87
CA PHE A 323 3.30 7.06 14.98
C PHE A 323 2.50 8.32 14.69
N CYS A 324 2.55 8.79 13.45
CA CYS A 324 1.76 9.99 13.05
C CYS A 324 0.27 9.70 13.26
N LYS A 325 -0.19 8.53 12.81
CA LYS A 325 -1.61 8.14 12.94
C LYS A 325 -1.98 8.12 14.41
N GLU A 326 -1.06 7.71 15.26
CA GLU A 326 -1.32 7.80 16.70
C GLU A 326 -1.45 9.27 17.10
N ILE A 327 -0.56 10.12 16.61
CA ILE A 327 -0.59 11.55 17.01
C ILE A 327 -1.85 12.21 16.44
N GLY A 328 -2.10 12.01 15.15
CA GLY A 328 -3.23 12.65 14.45
C GLY A 328 -2.96 14.10 14.10
N ASP A 329 -2.52 14.90 15.07
CA ASP A 329 -2.24 16.35 14.88
C ASP A 329 -1.15 16.52 13.82
N VAL A 330 -0.03 15.87 14.04
CA VAL A 330 1.19 16.09 13.21
C VAL A 330 0.93 15.55 11.81
N ARG A 331 1.29 16.34 10.82
CA ARG A 331 1.18 15.95 9.39
C ARG A 331 2.51 15.38 8.93
N ILE A 332 2.48 14.21 8.32
CA ILE A 332 3.69 13.51 7.86
C ILE A 332 3.71 13.57 6.34
N ARG A 333 4.89 13.64 5.76
CA ARG A 333 5.04 13.59 4.30
C ARG A 333 4.56 12.23 3.78
N THR A 334 4.00 12.22 2.58
CA THR A 334 3.47 10.95 2.03
C THR A 334 4.63 9.98 1.86
N ARG A 335 5.35 10.10 0.74
CA ARG A 335 6.50 9.21 0.49
C ARG A 335 7.63 9.58 1.44
N TYR A 336 8.83 9.06 1.21
CA TYR A 336 9.95 9.31 2.14
C TYR A 336 11.00 10.15 1.44
N ALA A 337 11.58 9.61 0.38
CA ALA A 337 12.64 10.32 -0.34
C ALA A 337 12.19 10.64 -1.77
N VAL A 338 11.35 11.66 -1.95
CA VAL A 338 11.01 12.04 -3.34
C VAL A 338 12.29 12.59 -3.98
N HIS A 339 12.79 11.89 -4.99
CA HIS A 339 14.10 12.20 -5.62
C HIS A 339 14.06 13.57 -6.28
N SER A 340 12.91 13.97 -6.78
CA SER A 340 12.79 15.18 -7.63
C SER A 340 12.21 16.35 -6.82
N GLU A 341 11.85 16.16 -5.55
CA GLU A 341 11.18 17.23 -4.78
C GLU A 341 12.24 18.10 -4.13
N ASP A 342 11.94 19.38 -3.99
CA ASP A 342 12.83 20.38 -3.36
C ASP A 342 12.62 20.36 -1.86
N VAL A 343 13.72 20.53 -1.14
CA VAL A 343 13.74 20.48 0.34
C VAL A 343 14.39 21.76 0.83
N THR A 344 13.80 22.35 1.85
CA THR A 344 14.29 23.62 2.44
C THR A 344 14.69 23.38 3.89
N PRO A 345 15.98 23.24 4.23
CA PRO A 345 16.38 23.10 5.61
C PRO A 345 15.90 24.33 6.38
N VAL A 346 15.20 24.11 7.46
CA VAL A 346 14.68 25.20 8.33
C VAL A 346 15.33 25.01 9.70
N GLU A 347 15.80 26.07 10.35
CA GLU A 347 16.29 25.99 11.76
C GLU A 347 15.20 26.50 12.72
N VAL A 348 15.25 26.08 13.97
CA VAL A 348 14.26 26.48 14.99
C VAL A 348 14.92 27.49 15.93
N VAL A 349 14.43 28.73 15.92
CA VAL A 349 15.08 29.83 16.69
C VAL A 349 14.97 29.54 18.18
N ASP A 350 13.79 29.22 18.66
CA ASP A 350 13.55 29.05 20.11
C ASP A 350 12.83 27.72 20.32
N PHE A 351 13.58 26.64 20.42
CA PHE A 351 12.99 25.30 20.60
C PHE A 351 12.34 25.21 21.97
N LYS A 352 12.96 25.79 22.98
CA LYS A 352 12.45 25.70 24.37
C LYS A 352 11.04 26.27 24.46
N ASN A 353 10.77 27.40 23.79
CA ASN A 353 9.48 28.11 23.92
C ASN A 353 8.51 27.63 22.85
N ASN A 354 8.98 27.50 21.61
CA ASN A 354 8.09 27.23 20.45
C ASN A 354 7.64 25.77 20.43
N TYR A 355 8.28 24.88 21.18
CA TYR A 355 7.92 23.44 21.22
C TYR A 355 7.57 23.06 22.65
N LYS A 356 6.46 22.37 22.81
CA LYS A 356 6.02 21.97 24.17
C LYS A 356 6.01 20.46 24.28
N LEU A 357 5.86 19.97 25.51
CA LEU A 357 5.79 18.53 25.80
C LEU A 357 4.54 17.94 25.12
N ASN A 358 3.42 18.63 25.18
CA ASN A 358 2.13 18.07 24.69
C ASN A 358 2.10 18.13 23.17
N SER A 359 2.11 19.32 22.60
CA SER A 359 2.00 19.50 21.14
C SER A 359 2.93 20.63 20.71
N GLY A 360 4.06 20.25 20.09
CA GLY A 360 5.04 21.24 19.59
C GLY A 360 4.54 21.98 18.38
N PHE A 361 5.23 23.08 18.06
CA PHE A 361 4.91 23.92 16.90
C PHE A 361 3.48 24.44 17.01
N LEU A 362 3.23 25.25 18.03
CA LEU A 362 1.85 25.71 18.35
C LEU A 362 1.25 26.57 17.24
N GLU A 363 2.06 26.96 16.25
CA GLU A 363 1.58 27.69 15.06
C GLU A 363 1.58 26.74 13.87
N GLY A 364 1.73 25.44 14.11
CA GLY A 364 1.78 24.42 13.06
C GLY A 364 3.18 24.24 12.49
N GLN A 365 3.27 23.41 11.47
CA GLN A 365 4.55 22.99 10.87
C GLN A 365 4.72 23.67 9.53
N ASP A 366 4.05 24.82 9.30
CA ASP A 366 4.19 25.55 8.02
C ASP A 366 5.48 26.37 8.05
N ILE A 367 6.27 26.33 6.98
CA ILE A 367 7.58 27.02 6.94
C ILE A 367 7.40 28.46 7.42
N SER A 368 6.28 29.10 7.08
CA SER A 368 6.06 30.52 7.44
C SER A 368 5.42 30.67 8.84
N LYS A 369 5.86 29.90 9.83
CA LYS A 369 5.35 30.04 11.22
C LYS A 369 6.50 29.86 12.20
N LYS A 370 6.19 29.65 13.49
CA LYS A 370 7.22 29.44 14.55
C LYS A 370 8.55 30.06 14.12
N TYR A 371 8.52 31.30 13.59
CA TYR A 371 9.76 31.93 13.06
C TYR A 371 10.75 30.84 12.67
N PHE A 372 10.44 30.10 11.59
CA PHE A 372 11.32 29.03 11.11
C PHE A 372 12.27 29.63 10.06
N ILE A 373 13.55 29.79 10.40
CA ILE A 373 14.56 30.36 9.45
C ILE A 373 14.48 29.58 8.13
N THR A 374 13.62 30.02 7.21
CA THR A 374 13.38 29.35 5.90
C THR A 374 14.61 28.54 5.51
N ASN A 375 15.77 29.18 5.42
CA ASN A 375 17.04 28.49 5.09
C ASN A 375 18.04 28.89 6.16
N PRO A 376 18.85 27.95 6.68
CA PRO A 376 19.70 28.25 7.83
C PRO A 376 20.99 28.96 7.42
N PRO A 377 21.74 29.57 8.37
CA PRO A 377 22.93 30.35 8.07
C PRO A 377 23.76 29.86 6.88
N LYS A 378 24.24 28.62 6.91
CA LYS A 378 25.15 28.09 5.87
C LYS A 378 24.37 27.21 4.90
N MET A 379 24.93 26.98 3.72
CA MET A 379 24.34 26.05 2.73
C MET A 379 25.45 25.37 1.96
N ARG A 380 25.09 24.34 1.22
CA ARG A 380 25.95 23.76 0.19
C ARG A 380 25.04 23.38 -0.95
N ARG A 381 24.94 24.26 -1.93
CA ARG A 381 24.06 24.03 -3.11
C ARG A 381 24.45 22.75 -3.83
N ARG A 382 23.48 22.14 -4.46
CA ARG A 382 23.67 20.81 -5.10
C ARG A 382 24.65 20.92 -6.27
N ALA A 383 25.23 19.79 -6.64
CA ALA A 383 26.13 19.68 -7.81
C ALA A 383 25.42 20.04 -9.10
N LEU A 384 26.00 20.91 -9.91
CA LEU A 384 25.35 21.41 -11.15
C LEU A 384 25.93 20.68 -12.35
N ARG A 385 25.13 19.84 -12.97
CA ARG A 385 25.55 19.11 -14.20
C ARG A 385 25.35 20.03 -15.40
N ASN A 386 26.34 20.13 -16.25
CA ASN A 386 26.31 21.06 -17.41
C ASN A 386 26.22 20.25 -18.70
N PHE A 387 25.25 20.55 -19.54
CA PHE A 387 25.08 19.91 -20.86
C PHE A 387 25.51 20.92 -21.92
N LYS A 388 26.52 20.56 -22.69
CA LYS A 388 27.13 21.47 -23.70
C LYS A 388 27.64 20.65 -24.88
N CYS A 389 27.24 21.07 -26.08
CA CYS A 389 27.86 20.72 -27.39
C CYS A 389 26.94 21.22 -28.50
N THR A 390 27.46 21.26 -29.72
CA THR A 390 26.76 21.70 -30.96
C THR A 390 25.71 20.66 -31.34
N ASP B 3 27.85 26.62 -29.53
CA ASP B 3 28.05 25.71 -28.35
C ASP B 3 27.11 26.13 -27.20
N ILE B 4 25.96 25.50 -27.14
CA ILE B 4 24.92 25.84 -26.12
C ILE B 4 25.33 25.27 -24.77
N ILE B 5 24.93 25.95 -23.72
CA ILE B 5 25.14 25.47 -22.33
C ILE B 5 23.79 25.15 -21.71
N ALA B 6 23.80 24.27 -20.74
CA ALA B 6 22.58 23.96 -19.96
C ALA B 6 23.01 23.52 -18.58
N SER B 7 22.97 24.43 -17.63
CA SER B 7 23.31 24.14 -16.23
C SER B 7 22.02 23.76 -15.52
N VAL B 8 21.93 22.52 -15.08
CA VAL B 8 20.76 22.03 -14.32
C VAL B 8 21.26 21.49 -13.00
N ASP B 9 20.33 21.48 -12.04
CA ASP B 9 20.58 20.96 -10.67
C ASP B 9 20.84 19.45 -10.77
N LYS B 10 21.53 18.93 -9.77
CA LYS B 10 21.82 17.47 -9.70
C LYS B 10 20.49 16.72 -9.57
N LYS B 11 19.56 17.26 -8.80
CA LYS B 11 18.24 16.65 -8.56
C LYS B 11 17.48 16.58 -9.88
N ASP B 12 17.51 17.64 -10.66
CA ASP B 12 16.58 17.80 -11.80
C ASP B 12 17.00 16.96 -13.00
N VAL B 13 18.14 16.29 -12.97
CA VAL B 13 18.51 15.38 -14.10
C VAL B 13 17.71 14.08 -13.99
N PHE B 14 17.43 13.44 -15.12
CA PHE B 14 16.69 12.16 -15.15
C PHE B 14 17.49 11.10 -14.42
N ALA B 15 16.82 10.38 -13.52
CA ALA B 15 17.46 9.38 -12.64
C ALA B 15 16.79 8.02 -12.86
N VAL B 16 17.60 6.99 -12.99
CA VAL B 16 17.06 5.61 -13.14
C VAL B 16 17.72 4.73 -12.10
N SER B 17 16.95 3.97 -11.33
CA SER B 17 17.51 3.10 -10.27
C SER B 17 18.45 2.05 -10.87
N ASP B 18 19.51 1.69 -10.17
CA ASP B 18 20.40 0.60 -10.63
C ASP B 18 19.61 -0.72 -10.55
N THR B 19 19.79 -1.55 -11.57
CA THR B 19 19.04 -2.83 -11.72
C THR B 19 19.76 -3.96 -10.98
N SER B 20 20.96 -3.72 -10.44
CA SER B 20 21.80 -4.79 -9.83
C SER B 20 21.05 -5.42 -8.66
N TYR B 21 20.42 -4.60 -7.82
CA TYR B 21 19.69 -5.13 -6.64
C TYR B 21 18.53 -6.02 -7.10
N PHE B 22 17.76 -5.54 -8.06
CA PHE B 22 16.56 -6.27 -8.49
C PHE B 22 16.94 -7.54 -9.26
N LYS B 23 18.02 -7.52 -10.02
CA LYS B 23 18.46 -8.73 -10.77
C LYS B 23 18.83 -9.82 -9.77
N ASN B 24 19.57 -9.46 -8.73
CA ASN B 24 20.05 -10.44 -7.73
C ASN B 24 18.88 -10.97 -6.89
N PHE B 25 17.80 -10.21 -6.79
CA PHE B 25 16.62 -10.65 -6.03
C PHE B 25 16.01 -11.85 -6.72
N LYS B 26 15.74 -12.89 -5.96
CA LYS B 26 15.25 -14.17 -6.53
C LYS B 26 14.06 -14.66 -5.71
N PHE B 27 13.15 -15.34 -6.40
CA PHE B 27 11.99 -15.99 -5.76
C PHE B 27 12.23 -17.48 -5.77
N PRO B 28 12.54 -18.11 -4.62
CA PRO B 28 12.93 -19.51 -4.60
C PRO B 28 11.75 -20.46 -4.41
N SER B 29 11.94 -21.69 -4.86
CA SER B 29 10.97 -22.79 -4.62
C SER B 29 10.94 -23.11 -3.12
N LYS B 30 9.76 -23.46 -2.63
CA LYS B 30 9.59 -23.74 -1.18
C LYS B 30 8.93 -25.10 -0.99
N LYS B 31 9.15 -25.70 0.19
CA LYS B 31 8.53 -26.99 0.58
C LYS B 31 7.78 -26.73 1.87
N ILE B 32 6.54 -26.29 1.77
CA ILE B 32 5.77 -25.86 2.96
C ILE B 32 5.47 -27.10 3.81
N SER B 33 5.59 -26.93 5.11
CA SER B 33 5.32 -27.96 6.13
C SER B 33 4.13 -27.56 6.99
N ASP B 34 3.88 -28.31 8.03
CA ASP B 34 2.78 -28.04 8.99
C ASP B 34 2.94 -26.62 9.52
N THR B 35 4.12 -26.29 10.03
CA THR B 35 4.35 -24.98 10.69
C THR B 35 4.52 -23.89 9.62
N GLY B 36 5.07 -24.23 8.46
CA GLY B 36 5.37 -23.25 7.39
C GLY B 36 6.38 -23.79 6.42
N GLU B 37 7.32 -22.97 5.99
CA GLU B 37 8.45 -23.48 5.18
C GLU B 37 9.34 -24.36 6.07
N VAL B 38 9.86 -25.42 5.49
CA VAL B 38 10.83 -26.30 6.19
C VAL B 38 12.12 -25.53 6.43
N ILE B 39 12.56 -25.51 7.66
CA ILE B 39 13.83 -24.88 8.09
C ILE B 39 14.76 -25.99 8.55
N ASP B 40 15.87 -26.14 7.86
CA ASP B 40 16.88 -27.20 8.17
C ASP B 40 18.14 -26.50 8.67
N SER B 41 18.40 -26.61 9.98
CA SER B 41 19.52 -25.92 10.65
C SER B 41 20.87 -26.49 10.17
N THR B 42 20.87 -27.64 9.50
CA THR B 42 22.11 -28.30 9.02
C THR B 42 22.83 -27.37 8.04
N LYS B 43 22.09 -26.78 7.12
CA LYS B 43 22.66 -25.91 6.07
C LYS B 43 22.57 -24.44 6.48
N LEU B 44 21.92 -24.13 7.60
CA LEU B 44 21.79 -22.72 8.02
C LEU B 44 23.16 -22.18 8.36
N PRO B 45 23.47 -20.92 7.96
CA PRO B 45 24.81 -20.37 8.13
C PRO B 45 25.19 -20.25 9.62
N GLN B 46 26.46 -20.51 9.91
CA GLN B 46 27.01 -20.32 11.27
C GLN B 46 27.10 -18.82 11.54
N ILE B 47 26.83 -18.43 12.78
CA ILE B 47 26.82 -17.01 13.20
C ILE B 47 28.26 -16.51 13.28
N LYS B 48 28.54 -15.37 12.65
CA LYS B 48 29.83 -14.66 12.78
C LYS B 48 29.56 -13.34 13.51
N ASP B 49 30.53 -12.90 14.32
CA ASP B 49 30.34 -11.78 15.28
C ASP B 49 31.56 -10.87 15.18
N THR B 50 31.99 -10.56 13.96
CA THR B 50 33.04 -9.54 13.74
C THR B 50 32.37 -8.17 13.64
N TYR B 51 33.09 -7.14 14.00
CA TYR B 51 32.54 -5.76 14.00
C TYR B 51 32.88 -5.07 12.68
N LYS B 52 32.01 -4.17 12.27
CA LYS B 52 32.30 -3.24 11.17
C LYS B 52 31.39 -2.04 11.32
N SER B 53 31.98 -0.85 11.42
CA SER B 53 31.24 0.42 11.59
C SER B 53 30.34 0.66 10.38
N SER B 54 29.10 1.08 10.67
CA SER B 54 28.02 1.33 9.70
C SER B 54 28.28 2.62 8.92
N ARG B 55 29.14 3.51 9.44
CA ARG B 55 29.29 4.87 8.90
C ARG B 55 30.01 4.77 7.55
N GLU B 56 29.42 5.37 6.53
CA GLU B 56 30.07 5.54 5.22
C GLU B 56 30.36 7.02 5.02
N GLU B 57 31.62 7.32 4.72
CA GLU B 57 32.08 8.72 4.54
C GLU B 57 31.38 9.30 3.34
N PRO B 58 30.83 10.53 3.46
CA PRO B 58 30.17 11.17 2.33
C PRO B 58 31.12 11.34 1.14
N ILE B 59 30.60 11.09 -0.04
CA ILE B 59 31.41 11.10 -1.29
C ILE B 59 31.50 12.56 -1.71
N PRO B 60 32.72 13.13 -1.84
CA PRO B 60 32.85 14.50 -2.32
C PRO B 60 32.26 14.65 -3.73
N ASP B 61 31.55 15.76 -3.93
CA ASP B 61 30.88 16.05 -5.21
C ASP B 61 31.21 17.48 -5.63
N ASN B 62 31.14 17.70 -6.93
CA ASN B 62 31.41 19.03 -7.52
C ASN B 62 30.65 19.11 -8.84
N ASP B 63 30.52 20.31 -9.35
CA ASP B 63 29.83 20.57 -10.63
C ASP B 63 30.65 19.95 -11.76
N SER B 64 29.97 19.27 -12.66
CA SER B 64 30.59 18.56 -13.79
C SER B 64 29.95 19.02 -15.10
N THR B 65 30.67 18.77 -16.19
CA THR B 65 30.22 19.10 -17.56
C THR B 65 30.03 17.80 -18.34
N ILE B 66 28.94 17.71 -19.07
CA ILE B 66 28.59 16.51 -19.87
C ILE B 66 28.38 16.98 -21.31
N ASN B 67 28.99 16.26 -22.24
CA ASN B 67 28.87 16.56 -23.69
C ASN B 67 27.79 15.66 -24.29
N VAL B 68 26.85 16.26 -24.99
CA VAL B 68 25.78 15.52 -25.71
C VAL B 68 25.79 16.01 -27.14
N LYS B 69 25.72 15.10 -28.09
CA LYS B 69 25.88 15.42 -29.53
C LYS B 69 24.68 16.24 -30.00
N ASN B 70 23.50 15.84 -29.61
CA ASN B 70 22.24 16.45 -30.08
C ASN B 70 21.61 17.23 -28.93
N ILE B 71 20.75 18.18 -29.28
CA ILE B 71 20.09 19.06 -28.28
C ILE B 71 19.16 18.22 -27.43
N THR B 72 19.29 18.33 -26.13
CA THR B 72 18.49 17.57 -25.15
C THR B 72 17.46 18.47 -24.50
N THR B 73 16.61 17.88 -23.67
CA THR B 73 15.50 18.60 -23.02
C THR B 73 16.07 19.70 -22.14
N TYR B 74 17.29 19.53 -21.67
CA TYR B 74 17.87 20.50 -20.72
C TYR B 74 18.12 21.81 -21.44
N HIS B 75 18.53 21.77 -22.69
CA HIS B 75 18.74 23.00 -23.48
C HIS B 75 17.38 23.68 -23.67
N TYR B 76 16.31 22.92 -23.87
CA TYR B 76 14.95 23.48 -24.03
C TYR B 76 14.50 24.17 -22.75
N LEU B 77 15.09 23.83 -21.61
CA LEU B 77 14.72 24.42 -20.30
C LEU B 77 15.64 25.58 -20.01
N GLU B 78 16.89 25.53 -20.43
CA GLU B 78 17.86 26.61 -20.18
C GLU B 78 17.49 27.83 -21.03
N ALA B 79 16.77 27.63 -22.13
CA ALA B 79 16.47 28.71 -23.09
C ALA B 79 15.23 29.52 -22.66
N GLN B 80 14.54 29.12 -21.59
CA GLN B 80 13.28 29.79 -21.22
C GLN B 80 13.46 30.62 -19.95
N LYS B 81 14.53 30.43 -19.20
CA LYS B 81 14.77 31.25 -17.99
C LYS B 81 15.20 32.63 -18.44
N PRO B 82 14.63 33.71 -17.87
CA PRO B 82 14.93 35.05 -18.31
C PRO B 82 16.30 35.54 -17.81
N LYS B 83 17.27 35.60 -18.71
CA LYS B 83 18.61 36.15 -18.38
C LYS B 83 18.53 37.67 -18.31
N ASN B 84 17.63 38.29 -19.06
CA ASN B 84 17.42 39.76 -19.00
C ASN B 84 16.05 40.04 -18.38
N SER B 85 15.95 41.08 -17.56
CA SER B 85 14.70 41.41 -16.82
C SER B 85 14.24 42.82 -17.20
N SER B 86 14.56 43.27 -18.41
CA SER B 86 14.19 44.63 -18.89
C SER B 86 13.14 44.53 -19.98
N ILE B 87 12.69 45.68 -20.45
CA ILE B 87 11.69 45.78 -21.54
C ILE B 87 12.30 45.27 -22.85
N GLU B 88 13.62 45.34 -23.00
CA GLU B 88 14.31 44.88 -24.23
C GLU B 88 14.10 43.37 -24.41
N LEU B 89 13.73 42.65 -23.34
CA LEU B 89 13.51 41.19 -23.42
C LEU B 89 12.41 40.89 -24.43
N THR B 90 12.65 39.89 -25.27
CA THR B 90 11.65 39.42 -26.27
C THR B 90 11.57 37.91 -26.21
N MET B 91 10.42 37.38 -26.59
CA MET B 91 10.17 35.93 -26.62
C MET B 91 10.35 35.42 -28.04
N VAL B 92 10.79 34.18 -28.14
CA VAL B 92 10.96 33.51 -29.45
C VAL B 92 10.06 32.30 -29.47
N ALA B 93 9.27 32.16 -30.52
CA ALA B 93 8.36 31.01 -30.71
C ALA B 93 8.63 30.37 -32.05
N PRO B 94 8.47 29.03 -32.14
CA PRO B 94 8.65 28.34 -33.41
C PRO B 94 7.58 28.75 -34.42
N SER B 95 7.97 28.79 -35.68
CA SER B 95 7.08 29.15 -36.81
C SER B 95 7.63 28.49 -38.08
N LYS B 96 7.05 28.82 -39.23
CA LYS B 96 7.51 28.30 -40.53
C LYS B 96 8.96 28.71 -40.79
N SER B 97 9.36 29.90 -40.33
CA SER B 97 10.70 30.49 -40.58
C SER B 97 11.81 29.53 -40.11
N LYS B 98 11.65 28.96 -38.93
CA LYS B 98 12.69 28.08 -38.34
C LYS B 98 12.03 27.12 -37.36
N LYS B 99 12.54 25.89 -37.37
CA LYS B 99 12.03 24.81 -36.49
C LYS B 99 12.32 25.16 -35.05
N PRO B 100 11.52 24.65 -34.11
CA PRO B 100 11.75 24.91 -32.68
C PRO B 100 13.10 24.46 -32.14
N ASN B 101 13.66 23.41 -32.72
CA ASN B 101 15.04 22.98 -32.37
C ASN B 101 16.05 24.07 -32.77
N ASP B 102 15.72 24.90 -33.77
CA ASP B 102 16.58 26.01 -34.24
C ASP B 102 16.30 27.24 -33.37
N CYS B 103 15.06 27.46 -32.94
CA CYS B 103 14.72 28.63 -32.12
C CYS B 103 15.42 28.57 -30.76
N VAL B 104 15.65 27.38 -30.23
CA VAL B 104 16.26 27.23 -28.87
C VAL B 104 17.69 27.76 -28.89
N VAL B 105 18.47 27.40 -29.90
CA VAL B 105 19.89 27.82 -29.97
C VAL B 105 19.96 29.35 -30.10
N GLU B 106 18.97 29.97 -30.70
CA GLU B 106 18.95 31.45 -30.80
C GLU B 106 18.59 32.06 -29.45
N ALA B 107 17.96 31.30 -28.57
CA ALA B 107 17.56 31.80 -27.23
C ALA B 107 18.68 31.58 -26.23
N ILE B 108 19.50 30.56 -26.44
CA ILE B 108 20.58 30.26 -25.46
C ILE B 108 21.71 31.29 -25.63
N ASN B 109 22.17 31.46 -26.86
CA ASN B 109 23.37 32.29 -27.16
C ASN B 109 23.05 33.77 -26.93
N ASP B 110 21.78 34.14 -26.79
CA ASP B 110 21.39 35.56 -26.59
C ASP B 110 20.79 35.75 -25.21
N ASN B 111 21.16 36.83 -24.54
CA ASN B 111 20.66 37.17 -23.19
C ASN B 111 19.26 37.75 -23.27
N ASN B 112 18.84 38.25 -24.44
CA ASN B 112 17.60 39.07 -24.56
C ASN B 112 16.45 38.26 -25.17
N LYS B 113 16.62 36.96 -25.37
CA LYS B 113 15.56 36.14 -26.01
C LYS B 113 15.20 34.96 -25.10
N ILE B 114 13.91 34.70 -25.01
CA ILE B 114 13.37 33.51 -24.30
C ILE B 114 12.62 32.67 -25.33
N TYR B 115 12.96 31.39 -25.38
CA TYR B 115 12.21 30.47 -26.25
C TYR B 115 10.88 30.15 -25.57
N THR B 116 9.84 30.01 -26.37
CA THR B 116 8.49 29.71 -25.86
C THR B 116 7.75 28.94 -26.93
N PRO B 117 7.22 27.74 -26.61
CA PRO B 117 6.51 26.96 -27.62
C PRO B 117 5.22 27.63 -28.10
N PHE B 118 4.65 28.50 -27.26
CA PHE B 118 3.38 29.18 -27.58
C PHE B 118 3.65 30.26 -28.63
N SER B 119 3.21 30.04 -29.86
CA SER B 119 3.42 30.97 -30.99
C SER B 119 2.49 32.18 -30.85
N GLY B 120 1.42 32.07 -30.06
CA GLY B 120 0.40 33.12 -29.98
C GLY B 120 0.86 34.23 -29.06
N THR B 121 1.14 33.90 -27.81
CA THR B 121 1.51 34.90 -26.78
C THR B 121 2.81 35.59 -27.16
N ALA B 122 3.63 34.97 -28.00
CA ALA B 122 4.86 35.61 -28.52
C ALA B 122 4.50 36.86 -29.33
N LYS B 123 3.45 36.78 -30.13
CA LYS B 123 3.03 37.92 -30.99
C LYS B 123 2.63 39.09 -30.11
N GLN B 124 1.89 38.82 -29.03
CA GLN B 124 1.47 39.91 -28.13
C GLN B 124 2.67 40.42 -27.33
N PHE B 125 3.70 39.61 -27.15
CA PHE B 125 4.87 40.02 -26.34
C PHE B 125 5.97 40.56 -27.24
N ASN B 126 6.45 39.73 -28.16
CA ASN B 126 7.61 40.08 -29.02
C ASN B 126 7.15 40.98 -30.16
N THR B 127 6.25 40.47 -31.01
CA THR B 127 5.83 41.18 -32.24
C THR B 127 5.19 42.51 -31.86
N VAL B 128 4.31 42.47 -30.86
CA VAL B 128 3.55 43.67 -30.43
C VAL B 128 4.17 44.18 -29.13
N VAL B 129 4.47 45.46 -29.08
CA VAL B 129 4.98 46.12 -27.86
C VAL B 129 4.06 47.30 -27.54
N PRO B 130 3.71 47.53 -26.25
CA PRO B 130 2.86 48.66 -25.89
C PRO B 130 3.58 49.99 -26.04
N ILE B 131 2.80 51.06 -26.16
CA ILE B 131 3.30 52.45 -26.23
C ILE B 131 2.75 53.22 -25.03
N ALA B 132 3.63 53.91 -24.31
CA ALA B 132 3.29 54.66 -23.08
C ALA B 132 2.68 56.00 -23.48
N ASN B 133 1.48 55.97 -24.06
CA ASN B 133 0.76 57.18 -24.52
C ASN B 133 -0.53 57.34 -23.72
N THR B 134 -1.41 56.35 -23.79
CA THR B 134 -2.73 56.39 -23.11
C THR B 134 -2.97 55.05 -22.40
N ALA B 135 -3.67 55.13 -21.27
CA ALA B 135 -3.94 53.99 -20.37
C ALA B 135 -4.99 53.05 -20.98
N ALA B 136 -5.69 53.47 -22.03
CA ALA B 136 -6.76 52.66 -22.67
C ALA B 136 -6.15 51.48 -23.44
N ASN B 137 -5.13 51.74 -24.24
CA ASN B 137 -4.60 50.74 -25.22
C ASN B 137 -3.80 49.68 -24.47
N VAL B 138 -3.13 50.06 -23.38
CA VAL B 138 -2.27 49.11 -22.62
C VAL B 138 -3.15 48.02 -22.00
N ILE B 139 -4.32 48.40 -21.48
CA ILE B 139 -5.23 47.41 -20.83
C ILE B 139 -5.68 46.41 -21.88
N THR B 140 -6.00 46.88 -23.08
CA THR B 140 -6.36 45.99 -24.20
C THR B 140 -5.17 45.05 -24.46
N TRP B 141 -3.96 45.58 -24.45
CA TRP B 141 -2.74 44.76 -24.55
C TRP B 141 -2.62 43.88 -23.31
N LEU B 142 -2.81 44.47 -22.13
CA LEU B 142 -2.57 43.75 -20.85
C LEU B 142 -3.56 42.60 -20.71
N GLU B 143 -4.83 42.83 -21.04
CA GLU B 143 -5.88 41.78 -20.94
C GLU B 143 -5.61 40.71 -22.01
N ALA B 144 -5.16 41.10 -23.20
CA ALA B 144 -5.00 40.18 -24.34
C ALA B 144 -3.91 39.15 -24.01
N ILE B 145 -2.77 39.62 -23.52
CA ILE B 145 -1.60 38.72 -23.28
C ILE B 145 -1.96 37.69 -22.21
N ALA B 146 -2.85 38.02 -21.28
CA ALA B 146 -3.36 37.05 -20.29
C ALA B 146 -4.37 36.12 -20.97
N ASP B 147 -5.18 36.65 -21.88
CA ASP B 147 -6.26 35.87 -22.52
C ASP B 147 -5.65 34.75 -23.35
N ILE B 148 -4.75 35.09 -24.26
CA ILE B 148 -4.20 34.10 -25.22
C ILE B 148 -3.33 33.09 -24.46
N PHE B 149 -2.60 33.56 -23.45
CA PHE B 149 -1.75 32.66 -22.64
C PHE B 149 -2.63 31.62 -21.95
N SER B 150 -3.73 32.08 -21.35
CA SER B 150 -4.70 31.16 -20.67
C SER B 150 -5.23 30.15 -21.70
N SER B 151 -5.60 30.61 -22.88
CA SER B 151 -6.14 29.74 -23.96
C SER B 151 -5.04 28.79 -24.46
N GLU B 152 -3.82 29.28 -24.58
CA GLU B 152 -2.72 28.48 -25.20
C GLU B 152 -2.27 27.41 -24.21
N THR B 153 -2.12 27.75 -22.94
CA THR B 153 -1.58 26.81 -21.93
C THR B 153 -2.67 25.90 -21.37
N GLY B 154 -3.94 26.25 -21.57
CA GLY B 154 -5.08 25.52 -20.98
C GLY B 154 -5.58 24.41 -21.89
N THR B 155 -4.91 24.16 -23.02
CA THR B 155 -5.41 23.18 -24.02
C THR B 155 -5.31 21.79 -23.44
N PHE B 156 -6.35 20.98 -23.68
CA PHE B 156 -6.36 19.59 -23.21
C PHE B 156 -7.12 18.76 -24.23
N ASP B 157 -6.38 18.13 -25.13
CA ASP B 157 -6.99 17.38 -26.26
C ASP B 157 -7.06 15.91 -25.90
N LYS B 158 -8.22 15.28 -26.11
CA LYS B 158 -8.37 13.82 -25.91
C LYS B 158 -7.57 13.07 -26.97
N LEU B 159 -6.91 12.01 -26.54
CA LEU B 159 -6.16 11.10 -27.44
C LEU B 159 -6.71 9.70 -27.25
N GLU B 160 -6.82 8.97 -28.36
CA GLU B 160 -7.40 7.61 -28.38
C GLU B 160 -6.40 6.66 -29.03
N ARG B 161 -6.42 5.41 -28.59
CA ARG B 161 -5.61 4.33 -29.19
C ARG B 161 -6.49 3.09 -29.34
N ALA B 162 -6.12 2.25 -30.30
CA ALA B 162 -6.84 0.99 -30.61
C ALA B 162 -6.57 -0.02 -29.51
N GLY B 163 -7.63 -0.43 -28.79
CA GLY B 163 -7.59 -1.47 -27.75
C GLY B 163 -6.95 -1.02 -26.45
N LYS B 164 -6.66 0.28 -26.30
CA LYS B 164 -6.07 0.83 -25.06
C LYS B 164 -6.92 1.99 -24.57
N GLU B 165 -6.85 2.26 -23.27
CA GLU B 165 -7.68 3.31 -22.64
C GLU B 165 -7.30 4.66 -23.23
N THR B 166 -8.29 5.45 -23.59
CA THR B 166 -8.06 6.81 -24.14
C THR B 166 -7.50 7.71 -23.03
N LEU B 167 -6.42 8.41 -23.33
CA LEU B 167 -5.77 9.33 -22.34
C LEU B 167 -5.81 10.74 -22.91
N TYR B 168 -6.11 11.68 -22.04
CA TYR B 168 -6.08 13.12 -22.37
C TYR B 168 -4.64 13.60 -22.24
N TYR B 169 -4.17 14.37 -23.21
CA TYR B 169 -2.77 14.80 -23.32
C TYR B 169 -2.71 16.28 -23.62
N ILE B 170 -1.53 16.88 -23.39
CA ILE B 170 -1.31 18.32 -23.65
C ILE B 170 -0.56 18.43 -24.95
N PRO B 171 -1.08 19.17 -25.95
CA PRO B 171 -0.44 19.21 -27.26
C PRO B 171 0.95 19.85 -27.25
N TYR B 172 1.17 20.86 -26.42
CA TYR B 172 2.39 21.69 -26.56
C TYR B 172 3.57 21.15 -25.76
N VAL B 173 3.42 20.06 -25.03
CA VAL B 173 4.56 19.51 -24.24
C VAL B 173 5.66 19.10 -25.22
N GLY B 174 5.29 18.66 -26.42
CA GLY B 174 6.28 18.26 -27.42
C GLY B 174 7.21 19.38 -27.79
N GLN B 175 6.69 20.59 -27.91
CA GLN B 175 7.51 21.77 -28.28
C GLN B 175 7.98 22.50 -27.02
N LEU B 176 7.69 21.99 -25.83
CA LEU B 176 8.08 22.63 -24.54
C LEU B 176 9.30 21.92 -23.93
N LEU B 177 9.38 20.61 -23.99
CA LEU B 177 10.51 19.88 -23.35
C LEU B 177 11.28 18.99 -24.33
N SER B 178 11.19 19.24 -25.63
CA SER B 178 11.88 18.43 -26.68
C SER B 178 11.56 16.94 -26.52
N ILE B 179 10.29 16.61 -26.39
CA ILE B 179 9.84 15.21 -26.14
C ILE B 179 10.10 14.36 -27.37
N GLY B 180 10.11 14.96 -28.55
CA GLY B 180 10.21 14.20 -29.80
C GLY B 180 10.41 15.12 -30.98
N GLU B 181 10.33 14.58 -32.19
CA GLU B 181 10.45 15.35 -33.44
C GLU B 181 9.24 16.28 -33.51
N ASN B 182 9.44 17.55 -33.18
CA ASN B 182 8.32 18.49 -32.94
C ASN B 182 8.41 19.64 -33.94
N VAL B 183 8.71 19.37 -35.19
CA VAL B 183 8.76 20.42 -36.25
C VAL B 183 7.41 21.13 -36.34
N LEU B 184 6.32 20.44 -36.03
CA LEU B 184 4.96 21.03 -35.99
C LEU B 184 4.36 20.81 -34.61
N ILE B 185 3.49 21.73 -34.19
CA ILE B 185 2.80 21.66 -32.87
C ILE B 185 2.05 20.32 -32.75
N GLY B 186 1.41 19.88 -33.81
CA GLY B 186 0.62 18.64 -33.81
C GLY B 186 1.47 17.39 -33.96
N ASP B 187 2.77 17.54 -34.17
CA ASP B 187 3.65 16.37 -34.36
C ASP B 187 3.83 15.61 -33.04
N PHE B 188 3.38 16.17 -31.91
CA PHE B 188 3.42 15.46 -30.62
C PHE B 188 2.39 14.32 -30.59
N LYS B 189 1.18 14.59 -31.10
CA LYS B 189 0.06 13.64 -30.97
C LYS B 189 0.41 12.37 -31.73
N ASN B 190 0.80 12.50 -33.00
CA ASN B 190 1.13 11.31 -33.83
C ASN B 190 2.44 10.69 -33.34
N ALA B 191 3.24 11.39 -32.57
CA ALA B 191 4.44 10.80 -31.92
C ALA B 191 4.02 9.96 -30.71
N LEU B 192 2.99 10.38 -29.97
CA LEU B 192 2.45 9.54 -28.87
C LEU B 192 1.86 8.25 -29.44
N LEU B 193 1.07 8.36 -30.48
CA LEU B 193 0.58 7.15 -31.20
C LEU B 193 1.73 6.54 -32.00
N ASN B 194 1.58 5.26 -32.34
CA ASN B 194 2.50 4.54 -33.25
C ASN B 194 3.92 4.48 -32.66
N THR B 195 4.15 5.05 -31.49
CA THR B 195 5.46 4.95 -30.80
C THR B 195 5.32 4.66 -29.30
N GLY B 196 4.14 4.89 -28.72
CA GLY B 196 3.78 4.45 -27.36
C GLY B 196 4.11 5.51 -26.34
N LEU B 197 4.17 5.11 -25.08
CA LEU B 197 4.46 6.03 -23.95
C LEU B 197 5.95 5.96 -23.58
N ILE B 198 6.76 5.27 -24.37
CA ILE B 198 8.25 5.35 -24.27
C ILE B 198 8.74 6.78 -24.50
N ILE B 199 8.06 7.56 -25.33
CA ILE B 199 8.50 8.94 -25.65
C ILE B 199 8.54 9.77 -24.36
N LEU B 200 7.61 9.54 -23.45
CA LEU B 200 7.60 10.34 -22.20
C LEU B 200 8.88 10.07 -21.39
N LEU B 201 9.46 8.88 -21.50
CA LEU B 201 10.64 8.52 -20.66
C LEU B 201 11.90 8.76 -21.47
N ASP B 202 12.89 9.42 -20.87
CA ASP B 202 14.17 9.71 -21.55
C ASP B 202 14.98 8.42 -21.63
N ILE B 203 15.18 7.76 -20.49
CA ILE B 203 15.96 6.50 -20.43
C ILE B 203 15.00 5.33 -20.54
N ALA B 204 15.25 4.47 -21.52
CA ALA B 204 14.45 3.25 -21.72
C ALA B 204 14.63 2.39 -20.50
N PRO B 205 13.55 1.99 -19.82
CA PRO B 205 13.67 1.18 -18.62
C PRO B 205 13.94 -0.29 -18.96
N GLU B 206 14.51 -0.99 -17.99
CA GLU B 206 14.71 -2.46 -18.05
C GLU B 206 14.19 -3.07 -16.76
N LEU B 207 13.36 -4.11 -16.88
CA LEU B 207 12.72 -4.75 -15.72
C LEU B 207 12.99 -6.26 -15.73
N ASN B 208 12.40 -6.95 -14.76
CA ASN B 208 12.74 -8.36 -14.46
C ASN B 208 11.52 -9.27 -14.57
N ILE B 209 11.81 -10.53 -14.82
CA ILE B 209 10.78 -11.59 -14.88
C ILE B 209 11.09 -12.57 -13.73
N PRO B 210 10.30 -12.51 -12.66
CA PRO B 210 10.52 -13.40 -11.52
C PRO B 210 9.87 -14.78 -11.68
N LEU B 211 9.77 -15.53 -10.58
CA LEU B 211 9.00 -16.81 -10.42
C LEU B 211 9.72 -17.91 -11.15
N LEU B 212 11.02 -18.02 -10.92
CA LEU B 212 11.81 -19.13 -11.49
C LEU B 212 11.48 -20.44 -10.75
N GLY B 213 10.70 -20.37 -9.65
CA GLY B 213 10.38 -21.50 -8.75
C GLY B 213 8.90 -21.70 -8.55
N ALA B 214 8.55 -22.84 -7.98
CA ALA B 214 7.17 -23.25 -7.65
C ALA B 214 7.06 -23.69 -6.18
N PHE B 215 5.90 -24.17 -5.75
CA PHE B 215 5.69 -24.62 -4.37
C PHE B 215 5.45 -26.12 -4.33
N GLU B 216 5.24 -26.63 -3.12
CA GLU B 216 5.05 -28.08 -2.87
C GLU B 216 4.60 -28.23 -1.43
N ALA B 217 4.17 -29.44 -1.10
CA ALA B 217 3.85 -29.86 0.28
C ALA B 217 4.78 -30.98 0.68
N TYR B 218 5.30 -30.91 1.89
CA TYR B 218 6.21 -31.92 2.43
C TYR B 218 5.49 -33.26 2.55
N LYS B 219 6.28 -34.33 2.51
CA LYS B 219 5.77 -35.72 2.50
C LYS B 219 5.91 -36.34 3.90
N GLU B 220 6.23 -35.56 4.93
CA GLU B 220 6.50 -36.11 6.28
C GLU B 220 5.26 -35.98 7.16
N TYR B 221 4.08 -35.83 6.57
CA TYR B 221 2.82 -35.77 7.33
C TYR B 221 2.53 -37.15 7.92
N LYS B 222 1.93 -37.18 9.10
CA LYS B 222 1.60 -38.43 9.80
C LYS B 222 0.13 -38.46 10.24
N SER B 223 -0.61 -37.37 10.07
CA SER B 223 -1.98 -37.25 10.62
C SER B 223 -2.95 -36.78 9.54
N LEU B 224 -4.23 -37.02 9.79
CA LEU B 224 -5.33 -36.51 8.96
C LEU B 224 -5.32 -34.98 9.01
N GLU B 225 -5.13 -34.41 10.20
CA GLU B 225 -5.15 -32.94 10.44
C GLU B 225 -3.84 -32.29 10.00
N GLU B 226 -2.75 -33.05 9.89
CA GLU B 226 -1.42 -32.46 9.54
C GLU B 226 -1.47 -31.99 8.09
N PHE B 227 -1.94 -32.85 7.21
CA PHE B 227 -2.03 -32.53 5.77
C PHE B 227 -3.00 -31.37 5.55
N ARG B 228 -4.11 -31.38 6.27
CA ARG B 228 -5.12 -30.30 6.13
C ARG B 228 -4.47 -28.99 6.57
N LYS B 229 -3.73 -28.99 7.67
CA LYS B 229 -3.05 -27.75 8.15
C LYS B 229 -1.86 -27.43 7.24
N ALA B 230 -1.23 -28.45 6.68
CA ALA B 230 -0.07 -28.22 5.80
C ALA B 230 -0.54 -27.63 4.48
N ILE B 231 -1.58 -28.20 3.91
CA ILE B 231 -2.05 -27.75 2.58
C ILE B 231 -2.70 -26.38 2.73
N ASP B 232 -3.24 -26.07 3.90
CA ASP B 232 -3.78 -24.72 4.17
C ASP B 232 -2.61 -23.71 4.18
N ASN B 233 -1.45 -24.10 4.66
CA ASN B 233 -0.28 -23.20 4.67
C ASN B 233 0.18 -22.93 3.24
N VAL B 234 0.10 -23.92 2.37
CA VAL B 234 0.52 -23.74 0.95
C VAL B 234 -0.36 -22.68 0.30
N ILE B 235 -1.64 -22.69 0.63
CA ILE B 235 -2.61 -21.71 0.06
C ILE B 235 -2.16 -20.34 0.51
N ASP B 236 -1.87 -20.17 1.80
CA ASP B 236 -1.51 -18.85 2.33
C ASP B 236 -0.16 -18.41 1.76
N GLU B 237 0.80 -19.32 1.65
CA GLU B 237 2.16 -18.97 1.17
C GLU B 237 2.06 -18.54 -0.28
N ARG B 238 1.26 -19.23 -1.07
CA ARG B 238 1.02 -18.82 -2.49
C ARG B 238 0.30 -17.49 -2.54
N ASN B 239 -0.67 -17.31 -1.66
CA ASN B 239 -1.46 -16.05 -1.63
C ASN B 239 -0.49 -14.89 -1.36
N LYS B 240 0.41 -15.04 -0.40
CA LYS B 240 1.37 -13.95 -0.05
C LYS B 240 2.32 -13.69 -1.22
N ARG B 241 2.75 -14.72 -1.90
CA ARG B 241 3.70 -14.55 -3.01
C ARG B 241 3.01 -13.81 -4.16
N TRP B 242 1.71 -14.00 -4.35
CA TRP B 242 0.94 -13.23 -5.35
C TRP B 242 0.99 -11.74 -5.01
N HIS B 243 1.24 -11.39 -3.75
CA HIS B 243 1.36 -9.99 -3.34
C HIS B 243 2.82 -9.53 -3.38
N SER B 244 3.75 -10.36 -2.94
CA SER B 244 5.18 -9.97 -2.86
C SER B 244 5.64 -9.63 -4.27
N VAL B 245 5.22 -10.41 -5.25
CA VAL B 245 5.68 -10.16 -6.64
C VAL B 245 5.06 -8.87 -7.14
N TYR B 246 3.85 -8.61 -6.69
CA TYR B 246 3.16 -7.36 -7.09
C TYR B 246 3.93 -6.17 -6.57
N SER B 247 4.35 -6.21 -5.32
CA SER B 247 5.14 -5.09 -4.76
C SER B 247 6.55 -5.07 -5.35
N PHE B 248 7.12 -6.22 -5.61
CA PHE B 248 8.42 -6.31 -6.28
C PHE B 248 8.33 -5.71 -7.68
N VAL B 249 7.27 -6.00 -8.41
CA VAL B 249 7.13 -5.44 -9.77
C VAL B 249 6.77 -3.97 -9.64
N ALA B 250 5.89 -3.60 -8.72
CA ALA B 250 5.52 -2.18 -8.56
C ALA B 250 6.75 -1.34 -8.21
N HIS B 251 7.59 -1.85 -7.32
CA HIS B 251 8.82 -1.12 -6.93
C HIS B 251 9.70 -0.95 -8.17
N GLN B 252 9.86 -1.99 -8.95
CA GLN B 252 10.67 -1.88 -10.17
C GLN B 252 10.10 -0.81 -11.12
N TRP B 253 8.79 -0.70 -11.20
CA TRP B 253 8.16 0.33 -12.06
C TRP B 253 8.48 1.71 -11.51
N TYR B 254 8.44 1.89 -10.20
CA TYR B 254 8.73 3.21 -9.61
C TYR B 254 10.17 3.65 -9.89
N GLY B 255 11.10 2.73 -9.74
CA GLY B 255 12.51 3.02 -9.94
C GLY B 255 12.81 3.28 -11.39
N GLN B 256 12.25 2.50 -12.29
CA GLN B 256 12.66 2.54 -13.72
C GLN B 256 11.74 3.44 -14.56
N VAL B 257 10.54 3.76 -14.11
CA VAL B 257 9.60 4.52 -14.96
C VAL B 257 9.11 5.74 -14.22
N ASN B 258 8.43 5.58 -13.11
CA ASN B 258 7.78 6.75 -12.50
C ASN B 258 8.75 7.83 -12.00
N ILE B 259 10.04 7.54 -11.80
CA ILE B 259 11.02 8.60 -11.45
C ILE B 259 11.26 9.49 -12.66
N GLN B 260 11.34 8.92 -13.84
CA GLN B 260 11.50 9.74 -15.03
C GLN B 260 10.24 10.60 -15.16
N ILE B 261 9.06 10.04 -14.93
CA ILE B 261 7.80 10.81 -15.11
C ILE B 261 7.77 11.96 -14.11
N GLU B 262 8.15 11.73 -12.87
CA GLU B 262 8.21 12.84 -11.88
C GLU B 262 9.19 13.90 -12.36
N GLN B 263 10.28 13.51 -13.02
CA GLN B 263 11.25 14.49 -13.61
C GLN B 263 10.57 15.22 -14.76
N ARG B 264 9.89 14.51 -15.65
CA ARG B 264 9.19 15.17 -16.78
C ARG B 264 8.14 16.11 -16.24
N LEU B 265 7.39 15.70 -15.24
CA LEU B 265 6.31 16.55 -14.66
C LEU B 265 6.96 17.72 -13.94
N ASN B 266 8.07 17.50 -13.28
CA ASN B 266 8.76 18.59 -12.54
C ASN B 266 9.29 19.65 -13.52
N HIS B 267 9.75 19.25 -14.70
CA HIS B 267 10.19 20.22 -15.73
C HIS B 267 9.01 21.07 -16.17
N PHE B 268 7.82 20.52 -16.22
CA PHE B 268 6.60 21.28 -16.57
C PHE B 268 6.38 22.34 -15.50
N TYR B 269 6.65 22.03 -14.23
CA TYR B 269 6.50 23.03 -13.14
C TYR B 269 7.45 24.19 -13.44
N GLN B 270 8.67 23.89 -13.91
CA GLN B 270 9.73 24.91 -14.13
C GLN B 270 9.43 25.68 -15.40
N ALA B 271 9.25 24.98 -16.51
CA ALA B 271 9.16 25.63 -17.84
C ALA B 271 7.97 26.60 -17.83
N LEU B 272 6.82 26.20 -17.31
CA LEU B 272 5.65 27.09 -17.26
C LEU B 272 5.92 28.23 -16.28
N SER B 273 6.65 27.97 -15.20
CA SER B 273 6.97 29.04 -14.22
C SER B 273 7.86 30.09 -14.87
N TYR B 274 8.75 29.67 -15.77
CA TYR B 274 9.60 30.62 -16.54
C TYR B 274 8.71 31.53 -17.38
N GLN B 275 7.75 30.94 -18.08
CA GLN B 275 6.85 31.72 -18.92
C GLN B 275 5.98 32.60 -18.02
N ALA B 276 5.51 32.07 -16.90
CA ALA B 276 4.68 32.85 -15.98
C ALA B 276 5.51 33.98 -15.38
N GLY B 277 6.77 33.70 -15.06
CA GLY B 277 7.65 34.70 -14.44
C GLY B 277 7.88 35.88 -15.37
N VAL B 278 8.24 35.61 -16.62
CA VAL B 278 8.59 36.68 -17.59
C VAL B 278 7.35 37.53 -17.87
N ILE B 279 6.20 36.89 -18.05
CA ILE B 279 4.95 37.64 -18.34
C ILE B 279 4.57 38.47 -17.10
N LYS B 280 4.65 37.89 -15.91
CA LYS B 280 4.35 38.63 -14.66
C LYS B 280 5.39 39.73 -14.47
N ASN B 281 6.64 39.46 -14.79
CA ASN B 281 7.70 40.50 -14.72
C ASN B 281 7.37 41.65 -15.67
N ARG B 282 6.94 41.32 -16.90
CA ARG B 282 6.62 42.34 -17.92
C ARG B 282 5.49 43.23 -17.38
N VAL B 283 4.48 42.63 -16.75
CA VAL B 283 3.32 43.39 -16.25
C VAL B 283 3.77 44.38 -15.18
N ASP B 284 4.65 43.94 -14.29
CA ASP B 284 5.14 44.82 -13.20
C ASP B 284 5.86 46.03 -13.81
N ILE B 285 6.72 45.80 -14.79
CA ILE B 285 7.47 46.92 -15.43
C ILE B 285 6.49 47.69 -16.31
N GLU B 286 5.47 47.03 -16.84
CA GLU B 286 4.43 47.73 -17.63
C GLU B 286 3.68 48.71 -16.72
N TYR B 287 3.37 48.29 -15.49
CA TYR B 287 2.69 49.16 -14.51
C TYR B 287 3.58 50.36 -14.22
N ALA B 288 4.87 50.13 -13.97
CA ALA B 288 5.84 51.22 -13.68
C ALA B 288 6.05 52.07 -14.94
N ARG B 289 6.06 51.46 -16.12
CA ARG B 289 6.28 52.18 -17.39
C ARG B 289 5.12 53.16 -17.64
N HIS B 290 3.97 52.96 -17.02
CA HIS B 290 2.79 53.84 -17.18
C HIS B 290 2.46 54.56 -15.87
N LYS B 291 3.48 54.85 -15.06
CA LYS B 291 3.31 55.66 -13.82
C LYS B 291 3.61 57.14 -14.10
N GLU B 292 3.80 57.53 -15.36
CA GLU B 292 3.95 58.95 -15.76
C GLU B 292 2.79 59.32 -16.68
N GLY B 293 2.44 60.60 -16.71
CA GLY B 293 1.29 61.12 -17.48
C GLY B 293 -0.01 60.63 -16.88
N LEU B 294 -0.28 61.02 -15.64
CA LEU B 294 -1.47 60.55 -14.88
C LEU B 294 -2.55 61.63 -14.91
N GLU B 295 -3.71 61.28 -15.45
CA GLU B 295 -4.94 62.12 -15.37
C GLU B 295 -5.78 61.69 -14.16
N GLU B 296 -5.26 60.75 -13.34
CA GLU B 296 -5.86 60.24 -12.08
C GLU B 296 -7.00 59.25 -12.39
N LYS B 297 -7.21 58.31 -11.47
CA LYS B 297 -8.28 57.28 -11.54
C LYS B 297 -7.88 56.20 -12.56
N GLU B 298 -6.81 56.42 -13.31
CA GLU B 298 -6.25 55.37 -14.20
C GLU B 298 -5.27 54.49 -13.42
N GLU B 299 -4.82 54.94 -12.25
CA GLU B 299 -3.93 54.12 -11.37
C GLU B 299 -4.74 53.48 -10.25
N ARG B 300 -6.05 53.71 -10.21
CA ARG B 300 -6.97 53.02 -9.28
C ARG B 300 -7.84 52.05 -10.07
N LYS B 301 -8.57 52.58 -11.05
CA LYS B 301 -9.26 51.73 -12.05
C LYS B 301 -8.29 51.47 -13.20
N LEU B 302 -8.47 50.33 -13.86
CA LEU B 302 -7.57 49.80 -14.92
C LEU B 302 -6.14 49.60 -14.39
N MET B 303 -5.95 49.67 -13.09
CA MET B 303 -4.69 49.23 -12.46
C MET B 303 -4.94 47.88 -11.78
N TRP B 304 -6.11 47.68 -11.19
CA TRP B 304 -6.57 46.35 -10.71
C TRP B 304 -6.55 45.34 -11.86
N ALA B 305 -6.74 45.81 -13.09
CA ALA B 305 -6.66 44.94 -14.28
C ALA B 305 -5.25 44.35 -14.39
N SER B 306 -4.24 45.15 -14.08
CA SER B 306 -2.84 44.66 -14.01
C SER B 306 -2.78 43.55 -12.96
N VAL B 307 -3.39 43.76 -11.80
CA VAL B 307 -3.49 42.70 -10.77
C VAL B 307 -4.32 41.55 -11.34
N ASP B 308 -5.39 41.87 -12.05
CA ASP B 308 -6.24 40.84 -12.70
C ASP B 308 -5.38 40.01 -13.66
N CYS B 309 -4.56 40.68 -14.46
CA CYS B 309 -3.65 40.00 -15.42
C CYS B 309 -2.68 39.11 -14.65
N ILE B 310 -2.15 39.60 -13.53
CA ILE B 310 -1.23 38.81 -12.68
C ILE B 310 -1.97 37.58 -12.16
N GLY B 311 -3.18 37.77 -11.63
CA GLY B 311 -3.98 36.66 -11.06
C GLY B 311 -4.33 35.63 -12.12
N SER B 312 -4.66 36.09 -13.32
CA SER B 312 -5.09 35.20 -14.42
C SER B 312 -3.93 34.33 -14.88
N ILE B 313 -2.72 34.88 -14.91
CA ILE B 313 -1.54 34.13 -15.40
C ILE B 313 -1.28 32.95 -14.47
N GLU B 314 -1.30 33.19 -13.16
CA GLU B 314 -1.01 32.13 -12.16
C GLU B 314 -2.14 31.09 -12.22
N ALA B 315 -3.38 31.53 -12.38
CA ALA B 315 -4.54 30.61 -12.40
C ALA B 315 -4.40 29.66 -13.59
N SER B 316 -3.99 30.16 -14.75
CA SER B 316 -3.82 29.35 -15.98
C SER B 316 -2.68 28.35 -15.75
N VAL B 317 -1.60 28.80 -15.15
CA VAL B 317 -0.43 27.90 -14.92
C VAL B 317 -0.83 26.84 -13.89
N LYS B 318 -1.57 27.22 -12.87
CA LYS B 318 -2.00 26.24 -11.84
C LYS B 318 -2.86 25.16 -12.50
N GLU B 319 -3.78 25.53 -13.39
CA GLU B 319 -4.64 24.54 -14.08
C GLU B 319 -3.82 23.78 -15.13
N ALA B 320 -2.89 24.44 -15.79
CA ALA B 320 -2.04 23.77 -16.80
C ALA B 320 -1.19 22.71 -16.11
N THR B 321 -0.73 22.96 -14.90
CA THR B 321 0.03 21.96 -14.11
C THR B 321 -0.89 20.78 -13.75
N LYS B 322 -2.14 21.07 -13.44
CA LYS B 322 -3.10 20.00 -13.14
C LYS B 322 -3.29 19.12 -14.37
N ASN B 323 -3.33 19.73 -15.55
CA ASN B 323 -3.43 18.98 -16.82
C ASN B 323 -2.17 18.12 -17.01
N ALA B 324 -1.01 18.65 -16.65
CA ALA B 324 0.26 17.91 -16.78
C ALA B 324 0.19 16.70 -15.84
N GLU B 325 -0.32 16.89 -14.63
CA GLU B 325 -0.46 15.74 -13.69
C GLU B 325 -1.46 14.74 -14.29
N LYS B 326 -2.57 15.20 -14.86
CA LYS B 326 -3.59 14.26 -15.36
C LYS B 326 -3.10 13.59 -16.65
N PHE B 327 -2.12 14.16 -17.35
CA PHE B 327 -1.64 13.57 -18.62
C PHE B 327 -0.48 12.64 -18.32
N LEU B 328 0.63 13.22 -17.85
CA LEU B 328 1.91 12.49 -17.72
C LEU B 328 1.70 11.42 -16.66
N GLU B 329 1.16 11.81 -15.52
CA GLU B 329 1.14 10.91 -14.33
C GLU B 329 0.15 9.79 -14.54
N LYS B 330 -0.99 10.07 -15.17
CA LYS B 330 -1.91 8.98 -15.58
C LYS B 330 -1.21 8.09 -16.62
N SER B 331 -0.46 8.66 -17.55
CA SER B 331 0.23 7.91 -18.63
C SER B 331 1.24 6.94 -18.02
N SER B 332 1.78 7.24 -16.86
CA SER B 332 2.72 6.33 -16.17
C SER B 332 2.01 5.01 -15.82
N ILE B 333 0.81 5.07 -15.28
CA ILE B 333 0.04 3.85 -14.92
C ILE B 333 -0.32 3.13 -16.22
N LEU B 334 -0.71 3.86 -17.28
CA LEU B 334 -1.09 3.21 -18.55
C LEU B 334 0.10 2.45 -19.14
N TYR B 335 1.32 2.95 -18.95
CA TYR B 335 2.53 2.18 -19.29
C TYR B 335 2.56 0.92 -18.42
N PHE B 336 2.25 1.05 -17.15
CA PHE B 336 2.31 -0.11 -16.22
C PHE B 336 1.26 -1.12 -16.60
N LYS B 337 0.05 -0.68 -16.96
CA LYS B 337 -1.08 -1.59 -17.22
C LYS B 337 -0.85 -2.32 -18.54
N GLU B 338 0.05 -1.84 -19.41
CA GLU B 338 0.22 -2.42 -20.76
C GLU B 338 1.52 -3.22 -20.85
N GLU B 339 2.63 -2.63 -20.46
CA GLU B 339 3.97 -3.19 -20.77
C GLU B 339 4.55 -3.88 -19.55
N ILE B 340 3.89 -3.85 -18.40
CA ILE B 340 4.47 -4.47 -17.18
C ILE B 340 3.51 -5.51 -16.60
N LEU B 341 2.27 -5.13 -16.35
CA LEU B 341 1.26 -6.03 -15.73
C LEU B 341 0.99 -7.27 -16.55
N PRO B 342 0.84 -7.25 -17.90
CA PRO B 342 0.77 -8.49 -18.67
C PRO B 342 2.00 -9.40 -18.51
N LYS B 343 3.18 -8.82 -18.34
CA LYS B 343 4.38 -9.66 -18.20
C LYS B 343 4.27 -10.43 -16.88
N VAL B 344 3.97 -9.75 -15.78
CA VAL B 344 3.99 -10.38 -14.43
C VAL B 344 2.82 -11.35 -14.31
N HIS B 345 1.66 -11.01 -14.87
CA HIS B 345 0.46 -11.86 -14.75
C HIS B 345 0.71 -13.18 -15.47
N LYS B 346 1.37 -13.16 -16.60
CA LYS B 346 1.68 -14.42 -17.30
C LYS B 346 2.55 -15.30 -16.40
N ASN B 347 3.58 -14.76 -15.77
CA ASN B 347 4.51 -15.56 -14.95
C ASN B 347 3.79 -16.14 -13.74
N LEU B 348 3.00 -15.31 -13.07
CA LEU B 348 2.30 -15.76 -11.84
C LEU B 348 1.36 -16.91 -12.18
N GLU B 349 0.58 -16.79 -13.24
CA GLU B 349 -0.36 -17.86 -13.65
C GLU B 349 0.48 -19.10 -13.95
N GLU B 350 1.62 -18.94 -14.60
CA GLU B 350 2.50 -20.08 -14.94
C GLU B 350 2.98 -20.71 -13.64
N PHE B 351 3.32 -19.90 -12.66
CA PHE B 351 3.77 -20.41 -11.34
C PHE B 351 2.59 -21.08 -10.62
N ASP B 352 1.42 -20.46 -10.69
CA ASP B 352 0.24 -20.98 -9.95
C ASP B 352 -0.19 -22.31 -10.53
N LYS B 353 -0.07 -22.49 -11.85
CA LYS B 353 -0.36 -23.78 -12.48
C LYS B 353 0.61 -24.82 -11.93
N ASN B 354 1.88 -24.46 -11.80
CA ASN B 354 2.91 -25.39 -11.30
C ASN B 354 2.58 -25.78 -9.86
N THR B 355 2.07 -24.85 -9.06
CA THR B 355 1.67 -25.15 -7.67
C THR B 355 0.49 -26.13 -7.66
N LEU B 356 -0.42 -25.99 -8.59
CA LEU B 356 -1.60 -26.89 -8.63
C LEU B 356 -1.13 -28.31 -8.90
N PHE B 357 -0.17 -28.47 -9.79
CA PHE B 357 0.33 -29.82 -10.13
C PHE B 357 0.93 -30.43 -8.87
N ASN B 358 1.73 -29.66 -8.16
CA ASN B 358 2.41 -30.18 -6.95
C ASN B 358 1.39 -30.58 -5.89
N ILE B 359 0.38 -29.77 -5.65
CA ILE B 359 -0.62 -30.08 -4.61
C ILE B 359 -1.36 -31.34 -5.00
N TYR B 360 -1.81 -31.44 -6.24
CA TYR B 360 -2.59 -32.62 -6.69
C TYR B 360 -1.72 -33.86 -6.60
N THR B 361 -0.44 -33.74 -6.93
CA THR B 361 0.51 -34.85 -6.75
C THR B 361 0.59 -35.22 -5.27
N ASN B 362 0.64 -34.22 -4.41
CA ASN B 362 0.70 -34.47 -2.95
C ASN B 362 -0.61 -35.10 -2.49
N ILE B 363 -1.72 -34.76 -3.12
CA ILE B 363 -3.03 -35.36 -2.75
C ILE B 363 -2.99 -36.87 -3.04
N ASP B 364 -2.44 -37.25 -4.18
CA ASP B 364 -2.42 -38.67 -4.60
C ASP B 364 -1.61 -39.49 -3.58
N GLU B 365 -0.49 -38.95 -3.13
CA GLU B 365 0.32 -39.64 -2.10
C GLU B 365 -0.47 -39.75 -0.80
N PHE B 366 -1.17 -38.68 -0.41
CA PHE B 366 -1.96 -38.67 0.83
C PHE B 366 -3.11 -39.68 0.72
N SER B 367 -3.65 -39.85 -0.47
CA SER B 367 -4.75 -40.82 -0.72
C SER B 367 -4.24 -42.25 -0.51
N ASN B 368 -2.97 -42.49 -0.80
CA ASN B 368 -2.41 -43.87 -0.77
C ASN B 368 -2.27 -44.35 0.66
N ARG B 369 -1.76 -43.52 1.56
CA ARG B 369 -1.22 -43.98 2.86
C ARG B 369 -2.30 -43.97 3.95
N GLY B 370 -2.79 -42.79 4.29
CA GLY B 370 -3.51 -42.55 5.56
C GLY B 370 -4.84 -41.87 5.33
N ILE B 371 -5.50 -42.17 4.22
CA ILE B 371 -6.78 -41.50 3.85
C ILE B 371 -7.88 -41.92 4.83
N ALA B 372 -8.91 -41.08 4.93
CA ALA B 372 -10.11 -41.34 5.76
C ALA B 372 -11.27 -41.90 4.91
N GLU B 373 -11.11 -42.00 3.59
CA GLU B 373 -12.15 -42.55 2.66
C GLU B 373 -13.47 -41.79 2.84
N ILE B 374 -13.39 -40.47 2.95
CA ILE B 374 -14.58 -39.59 3.06
C ILE B 374 -15.40 -39.67 1.76
N SER B 375 -14.77 -39.33 0.64
CA SER B 375 -15.42 -39.38 -0.70
C SER B 375 -14.33 -39.36 -1.77
N GLU B 376 -14.14 -40.48 -2.47
CA GLU B 376 -13.07 -40.66 -3.50
C GLU B 376 -11.69 -40.39 -2.89
N CYS B 377 -11.54 -40.55 -1.57
CA CYS B 377 -10.23 -40.43 -0.87
C CYS B 377 -9.62 -39.03 -1.08
N LYS B 378 -10.45 -37.99 -1.03
CA LYS B 378 -9.96 -36.60 -1.23
C LYS B 378 -11.00 -35.63 -0.68
N LYS B 379 -10.64 -34.95 0.39
CA LYS B 379 -11.56 -34.00 1.08
C LYS B 379 -11.12 -32.55 0.85
N VAL B 380 -9.82 -32.28 0.87
CA VAL B 380 -9.29 -30.89 0.92
C VAL B 380 -9.21 -30.33 -0.48
N GLU B 381 -9.62 -31.08 -1.50
CA GLU B 381 -9.68 -30.55 -2.88
C GLU B 381 -10.66 -29.39 -2.92
N ALA B 382 -11.63 -29.36 -2.02
CA ALA B 382 -12.55 -28.21 -1.86
C ALA B 382 -11.75 -26.96 -1.49
N ASP B 383 -10.78 -27.08 -0.60
CA ASP B 383 -10.00 -25.90 -0.13
C ASP B 383 -9.01 -25.45 -1.22
N VAL B 384 -8.64 -26.34 -2.12
CA VAL B 384 -7.57 -26.03 -3.10
C VAL B 384 -8.15 -25.14 -4.18
N ASN B 385 -9.17 -25.58 -4.90
CA ASN B 385 -9.74 -24.79 -6.02
C ASN B 385 -10.29 -23.47 -5.46
N ASN B 386 -10.94 -23.53 -4.29
CA ASN B 386 -11.53 -22.33 -3.67
C ASN B 386 -10.39 -21.37 -3.33
N GLY B 387 -9.28 -21.86 -2.79
CA GLY B 387 -8.19 -20.98 -2.32
C GLY B 387 -7.33 -20.44 -3.44
N PHE B 388 -7.21 -21.15 -4.54
CA PHE B 388 -6.30 -20.76 -5.64
C PHE B 388 -7.04 -19.82 -6.60
N ARG B 389 -7.47 -18.68 -6.06
CA ARG B 389 -8.19 -17.65 -6.82
C ARG B 389 -7.22 -16.57 -7.22
N PRO B 390 -7.25 -16.07 -8.45
CA PRO B 390 -6.36 -14.99 -8.86
C PRO B 390 -6.62 -13.74 -8.02
N ILE B 391 -5.55 -13.02 -7.74
CA ILE B 391 -5.57 -11.79 -6.91
C ILE B 391 -5.35 -10.61 -7.83
N LYS B 392 -6.35 -9.74 -7.95
CA LYS B 392 -6.24 -8.54 -8.81
C LYS B 392 -5.22 -7.59 -8.19
N PHE B 393 -4.47 -6.92 -9.06
CA PHE B 393 -3.51 -5.88 -8.64
C PHE B 393 -4.27 -4.75 -7.95
N ASP B 394 -3.84 -4.36 -6.77
CA ASP B 394 -4.47 -3.23 -6.05
C ASP B 394 -3.80 -1.94 -6.51
N PHE B 395 -4.40 -1.24 -7.47
CA PHE B 395 -3.79 -0.02 -8.05
C PHE B 395 -3.73 1.12 -7.04
N SER B 396 -4.18 0.91 -5.81
CA SER B 396 -3.98 1.91 -4.74
C SER B 396 -2.49 2.04 -4.40
N LEU B 397 -1.66 1.07 -4.80
CA LEU B 397 -0.18 1.16 -4.63
C LEU B 397 0.35 2.31 -5.46
N LEU B 398 0.02 2.36 -6.74
CA LEU B 398 0.57 3.41 -7.61
C LEU B 398 -0.13 4.72 -7.29
N THR B 399 -1.44 4.70 -7.14
CA THR B 399 -2.23 5.94 -7.11
C THR B 399 -1.79 6.80 -5.92
N ASN B 400 -1.51 6.20 -4.78
CA ASN B 400 -1.17 6.99 -3.57
C ASN B 400 0.08 7.85 -3.80
N LEU B 401 0.87 7.49 -4.80
CA LEU B 401 2.11 8.23 -5.14
C LEU B 401 1.82 9.48 -5.99
N MET B 402 0.58 9.72 -6.33
CA MET B 402 0.25 10.59 -7.48
C MET B 402 -0.62 11.75 -6.99
N LYS B 403 -0.33 12.95 -7.50
CA LYS B 403 -1.02 14.17 -7.02
C LYS B 403 -2.42 14.22 -7.62
N SER B 404 -2.55 13.91 -8.91
CA SER B 404 -3.84 14.03 -9.63
C SER B 404 -4.87 13.04 -9.05
N ASP B 405 -6.08 13.52 -8.81
CA ASP B 405 -7.22 12.65 -8.42
C ASP B 405 -7.67 11.88 -9.67
N SER B 406 -6.91 10.83 -9.99
CA SER B 406 -7.08 10.03 -11.23
C SER B 406 -8.44 9.34 -11.21
N LEU B 407 -8.98 9.10 -12.40
CA LEU B 407 -10.21 8.28 -12.57
C LEU B 407 -9.92 6.82 -12.22
N THR B 408 -8.66 6.43 -12.07
CA THR B 408 -8.29 5.04 -11.71
C THR B 408 -8.78 4.69 -10.30
N ASP B 409 -9.06 5.70 -9.47
CA ASP B 409 -9.73 5.48 -8.16
C ASP B 409 -11.10 4.82 -8.39
N GLU B 410 -11.92 5.41 -9.27
CA GLU B 410 -13.20 4.84 -9.77
C GLU B 410 -14.09 4.32 -8.62
N VAL B 411 -13.89 4.83 -7.41
CA VAL B 411 -14.73 4.47 -6.24
C VAL B 411 -15.08 5.75 -5.52
N ILE B 412 -16.37 6.04 -5.38
CA ILE B 412 -16.84 7.29 -4.77
C ILE B 412 -17.68 6.91 -3.55
N LEU B 413 -17.35 7.51 -2.41
CA LEU B 413 -18.11 7.30 -1.16
C LEU B 413 -18.61 8.64 -0.64
N GLU B 414 -19.76 8.58 0.05
CA GLU B 414 -20.40 9.78 0.65
C GLU B 414 -19.45 10.40 1.67
N LYS B 415 -19.24 11.70 1.55
CA LYS B 415 -18.32 12.46 2.42
C LYS B 415 -18.76 12.28 3.87
N ALA B 416 -20.05 12.43 4.16
CA ALA B 416 -20.63 12.30 5.52
C ALA B 416 -20.35 10.89 6.05
N LEU B 417 -20.56 9.88 5.22
CA LEU B 417 -20.37 8.46 5.64
C LEU B 417 -18.88 8.21 5.82
N GLU B 418 -18.04 8.65 4.89
CA GLU B 418 -16.58 8.39 4.97
C GLU B 418 -15.99 9.11 6.18
N ASP B 419 -16.38 10.36 6.40
CA ASP B 419 -15.87 11.14 7.55
C ASP B 419 -16.37 10.52 8.86
N ALA B 420 -17.53 9.89 8.85
CA ALA B 420 -18.08 9.25 10.06
C ALA B 420 -17.33 7.94 10.37
N LEU B 421 -16.60 7.38 9.42
CA LEU B 421 -15.85 6.11 9.64
C LEU B 421 -14.76 6.37 10.68
N VAL B 422 -14.62 5.45 11.61
CA VAL B 422 -13.63 5.56 12.71
C VAL B 422 -12.64 4.40 12.62
N PHE B 423 -13.14 3.18 12.56
CA PHE B 423 -12.29 1.98 12.52
C PHE B 423 -12.78 1.08 11.41
N SER B 424 -11.89 0.60 10.56
CA SER B 424 -12.29 -0.25 9.40
C SER B 424 -11.31 -1.42 9.26
N LEU B 425 -11.58 -2.50 9.95
CA LEU B 425 -10.74 -3.71 9.86
C LEU B 425 -10.93 -4.35 8.49
N GLY B 426 -9.86 -4.81 7.91
CA GLY B 426 -9.95 -5.48 6.62
C GLY B 426 -8.61 -5.91 6.10
N VAL B 427 -8.60 -6.59 4.98
CA VAL B 427 -7.34 -7.06 4.38
C VAL B 427 -6.95 -6.12 3.25
N ARG B 428 -5.70 -5.69 3.25
CA ARG B 428 -5.12 -4.81 2.20
C ARG B 428 -3.74 -5.34 1.85
N ASN B 429 -3.59 -5.82 0.62
CA ASN B 429 -2.34 -6.45 0.13
C ASN B 429 -1.93 -7.57 1.07
N GLY B 430 -2.88 -8.40 1.50
CA GLY B 430 -2.59 -9.68 2.18
C GLY B 430 -2.17 -9.53 3.62
N LYS B 431 -2.39 -8.34 4.19
CA LYS B 431 -2.14 -8.13 5.63
C LYS B 431 -3.33 -7.43 6.24
N ILE B 432 -3.66 -7.81 7.45
CA ILE B 432 -4.74 -7.16 8.23
C ILE B 432 -4.29 -5.73 8.49
N GLN B 433 -5.11 -4.77 8.13
CA GLN B 433 -4.81 -3.36 8.40
C GLN B 433 -6.04 -2.68 8.98
N ASN B 434 -5.83 -1.57 9.65
CA ASN B 434 -6.96 -0.70 10.05
C ASN B 434 -7.07 0.34 8.93
N LEU B 435 -7.93 0.09 7.96
CA LEU B 435 -8.03 0.92 6.74
C LEU B 435 -8.73 2.24 7.01
N SER B 436 -8.94 2.63 8.26
CA SER B 436 -9.51 3.96 8.57
C SER B 436 -8.40 5.02 8.61
N LYS B 437 -8.79 6.28 8.59
CA LYS B 437 -7.82 7.39 8.73
C LYS B 437 -7.48 7.57 10.21
N LYS B 438 -8.32 7.11 11.12
CA LYS B 438 -8.00 7.22 12.56
C LYS B 438 -7.05 6.09 12.97
N TRP B 439 -6.71 6.05 14.26
CA TRP B 439 -5.79 5.02 14.81
C TRP B 439 -6.54 4.22 15.87
N ALA B 440 -6.27 2.93 15.87
CA ALA B 440 -6.78 1.98 16.88
C ALA B 440 -5.73 0.92 17.13
N ASN B 441 -5.56 0.56 18.39
CA ASN B 441 -4.56 -0.47 18.78
C ASN B 441 -5.13 -1.86 18.45
N LEU B 442 -4.76 -2.40 17.30
CA LEU B 442 -5.25 -3.73 16.86
C LEU B 442 -4.16 -4.77 17.09
N THR B 443 -4.52 -5.87 17.74
CA THR B 443 -3.58 -6.95 18.13
C THR B 443 -3.97 -8.20 17.37
N ILE B 444 -3.33 -8.44 16.24
CA ILE B 444 -3.71 -9.57 15.35
C ILE B 444 -3.17 -10.84 15.98
N GLY B 445 -4.04 -11.81 16.21
CA GLY B 445 -3.66 -13.11 16.79
C GLY B 445 -2.78 -13.91 15.84
N THR B 446 -2.10 -14.92 16.38
CA THR B 446 -1.20 -15.75 15.57
C THR B 446 -2.00 -16.69 14.66
N ASP B 447 -3.06 -17.32 15.18
CA ASP B 447 -3.80 -18.39 14.47
C ASP B 447 -4.64 -17.83 13.32
N ILE B 448 -4.94 -16.52 13.34
CA ILE B 448 -5.83 -15.89 12.33
C ILE B 448 -5.16 -16.02 10.98
N ARG B 449 -5.92 -16.51 10.02
CA ARG B 449 -5.41 -16.64 8.64
C ARG B 449 -6.32 -15.85 7.71
N VAL B 450 -5.76 -15.30 6.66
CA VAL B 450 -6.52 -14.58 5.62
C VAL B 450 -6.93 -15.58 4.54
N VAL B 451 -8.20 -15.58 4.20
CA VAL B 451 -8.73 -16.45 3.12
C VAL B 451 -9.49 -15.56 2.16
N HIS B 452 -9.68 -16.05 0.95
CA HIS B 452 -10.35 -15.26 -0.11
C HIS B 452 -11.79 -14.93 0.30
N GLY B 453 -12.22 -13.71 0.00
CA GLY B 453 -13.54 -13.18 0.39
C GLY B 453 -14.32 -12.65 -0.80
N ARG B 454 -14.98 -11.52 -0.63
CA ARG B 454 -15.84 -10.93 -1.67
C ARG B 454 -14.99 -10.16 -2.68
N ASP B 455 -14.23 -9.14 -2.27
CA ASP B 455 -13.32 -8.42 -3.20
C ASP B 455 -11.87 -8.74 -2.85
N ASN B 456 -11.49 -8.48 -1.61
CA ASN B 456 -10.16 -8.83 -1.11
C ASN B 456 -10.34 -10.00 -0.14
N GLU B 457 -9.26 -10.43 0.48
CA GLU B 457 -9.33 -11.58 1.40
C GLU B 457 -10.17 -11.19 2.61
N SER B 458 -10.60 -12.22 3.34
CA SER B 458 -11.44 -12.08 4.54
C SER B 458 -10.74 -12.70 5.74
N ILE B 459 -10.86 -12.08 6.88
CA ILE B 459 -10.30 -12.66 8.12
C ILE B 459 -11.15 -13.87 8.53
N ARG B 460 -10.50 -14.98 8.85
CA ARG B 460 -11.13 -16.24 9.31
C ARG B 460 -10.95 -16.39 10.81
N LEU B 461 -11.94 -16.03 11.58
CA LEU B 461 -11.87 -16.25 13.04
C LEU B 461 -12.04 -17.75 13.31
N ASN B 462 -10.95 -18.50 13.26
CA ASN B 462 -10.98 -19.94 13.58
C ASN B 462 -11.31 -20.15 15.07
N SER B 463 -11.66 -21.38 15.43
CA SER B 463 -12.12 -21.75 16.79
C SER B 463 -10.94 -21.81 17.79
N THR B 464 -9.71 -21.82 17.29
CA THR B 464 -8.49 -21.99 18.11
C THR B 464 -8.31 -20.75 19.01
N GLN B 465 -7.67 -20.93 20.15
CA GLN B 465 -7.58 -19.90 21.21
C GLN B 465 -6.88 -18.63 20.68
N ASP B 466 -5.78 -18.78 19.94
CA ASP B 466 -4.94 -17.63 19.51
C ASP B 466 -5.40 -17.11 18.14
N SER B 467 -6.68 -17.20 17.82
CA SER B 467 -7.24 -16.71 16.54
C SER B 467 -8.13 -15.51 16.82
N SER B 468 -7.72 -14.61 17.72
CA SER B 468 -8.53 -13.44 18.12
C SER B 468 -7.90 -12.14 17.61
N ILE B 469 -8.73 -11.16 17.31
CA ILE B 469 -8.26 -9.78 17.06
C ILE B 469 -8.71 -8.91 18.24
N GLN B 470 -7.81 -8.09 18.77
CA GLN B 470 -8.09 -7.22 19.92
C GLN B 470 -7.99 -5.77 19.47
N ILE B 471 -9.00 -4.98 19.77
CA ILE B 471 -9.03 -3.54 19.41
C ILE B 471 -9.22 -2.75 20.68
N GLU B 472 -8.15 -2.06 21.09
CA GLU B 472 -8.17 -1.27 22.34
C GLU B 472 -9.13 -0.09 22.20
N LYS B 473 -9.76 0.29 23.30
CA LYS B 473 -10.65 1.45 23.36
C LYS B 473 -9.80 2.68 23.66
N ASN B 474 -9.23 3.27 22.63
CA ASN B 474 -8.37 4.48 22.77
C ASN B 474 -9.25 5.72 22.78
N THR B 475 -8.64 6.88 22.60
CA THR B 475 -9.34 8.19 22.67
C THR B 475 -10.38 8.25 21.55
N ASN B 476 -10.01 7.79 20.36
CA ASN B 476 -10.92 7.82 19.18
C ASN B 476 -12.16 6.98 19.47
N LEU B 477 -11.99 5.79 20.06
CA LEU B 477 -13.10 4.82 20.27
C LEU B 477 -13.77 5.04 21.62
N ARG B 478 -13.49 6.14 22.31
CA ARG B 478 -14.19 6.46 23.57
C ARG B 478 -15.65 6.85 23.29
N PHE B 479 -16.00 7.12 22.04
CA PHE B 479 -17.36 7.58 21.67
C PHE B 479 -18.40 6.45 21.76
N LEU B 480 -18.00 5.19 21.93
CA LEU B 480 -18.95 4.06 22.05
C LEU B 480 -19.59 4.05 23.44
N ASP B 481 -19.43 5.12 24.21
CA ASP B 481 -19.90 5.17 25.62
C ASP B 481 -21.37 5.61 25.66
N SER B 482 -21.68 6.82 25.24
CA SER B 482 -23.03 7.41 25.43
C SER B 482 -23.45 8.15 24.17
N GLU B 483 -22.99 7.70 23.01
CA GLU B 483 -23.34 8.37 21.74
C GLU B 483 -23.73 7.32 20.72
N ASN B 484 -24.22 7.78 19.58
CA ASN B 484 -24.69 6.90 18.48
C ASN B 484 -23.48 6.27 17.78
N PHE B 485 -23.62 5.04 17.36
CA PHE B 485 -22.54 4.34 16.62
C PHE B 485 -23.13 3.23 15.79
N SER B 486 -22.47 2.98 14.67
CA SER B 486 -22.94 1.98 13.68
C SER B 486 -21.83 1.01 13.41
N LEU B 487 -22.18 -0.26 13.33
CA LEU B 487 -21.22 -1.32 12.99
C LEU B 487 -21.67 -1.91 11.67
N SER B 488 -20.72 -2.14 10.82
CA SER B 488 -21.00 -2.81 9.55
C SER B 488 -19.94 -3.86 9.31
N PHE B 489 -20.35 -5.01 8.83
CA PHE B 489 -19.36 -6.03 8.49
C PHE B 489 -19.96 -7.07 7.58
N TRP B 490 -19.14 -7.59 6.68
CA TRP B 490 -19.52 -8.76 5.88
C TRP B 490 -19.18 -10.02 6.65
N ILE B 491 -20.18 -10.76 7.10
CA ILE B 491 -19.98 -11.99 7.91
C ILE B 491 -20.51 -13.20 7.16
N ARG B 492 -19.72 -14.24 7.03
CA ARG B 492 -20.14 -15.49 6.37
C ARG B 492 -20.17 -16.57 7.46
N VAL B 493 -21.28 -16.69 8.17
CA VAL B 493 -21.44 -17.75 9.19
C VAL B 493 -21.82 -19.03 8.48
N PRO B 494 -21.11 -20.15 8.72
CA PRO B 494 -21.41 -21.38 8.00
C PRO B 494 -22.78 -21.93 8.42
N ARG B 495 -23.39 -22.68 7.53
CA ARG B 495 -24.79 -23.14 7.71
C ARG B 495 -24.89 -23.99 8.98
N TYR B 496 -26.03 -23.86 9.65
CA TYR B 496 -26.33 -24.62 10.88
C TYR B 496 -26.27 -26.11 10.57
N ASN B 497 -25.24 -26.75 11.10
CA ASN B 497 -24.96 -28.16 10.78
C ASN B 497 -25.57 -29.07 11.82
N LYS B 498 -25.57 -30.37 11.53
CA LYS B 498 -25.91 -31.41 12.52
C LYS B 498 -24.93 -31.33 13.69
N PHE B 499 -23.64 -31.19 13.40
CA PHE B 499 -22.56 -31.08 14.42
C PHE B 499 -22.82 -29.88 15.30
N ASP B 500 -23.18 -28.76 14.69
CA ASP B 500 -23.41 -27.52 15.45
C ASP B 500 -24.58 -27.73 16.41
N LYS B 501 -25.62 -28.42 15.96
CA LYS B 501 -26.84 -28.59 16.79
C LYS B 501 -26.71 -29.79 17.74
N ASP B 502 -25.71 -30.64 17.57
CA ASP B 502 -25.52 -31.81 18.47
C ASP B 502 -24.52 -31.46 19.57
N LYS B 503 -23.36 -30.91 19.21
CA LYS B 503 -22.31 -30.59 20.22
C LYS B 503 -22.83 -29.53 21.18
N ASP B 504 -23.72 -28.65 20.73
CA ASP B 504 -24.40 -27.70 21.65
C ASP B 504 -25.83 -27.50 21.18
N LEU B 505 -26.72 -27.15 22.09
CA LEU B 505 -28.15 -26.96 21.77
C LEU B 505 -28.52 -25.50 21.98
N ASN B 506 -28.24 -24.96 23.16
CA ASN B 506 -28.69 -23.58 23.51
C ASN B 506 -27.51 -22.74 24.00
N ASN B 507 -26.28 -23.21 23.85
CA ASN B 507 -25.09 -22.42 24.26
C ASN B 507 -24.91 -21.26 23.28
N GLU B 508 -24.95 -20.04 23.79
CA GLU B 508 -24.79 -18.82 22.97
C GLU B 508 -23.36 -18.32 23.15
N TYR B 509 -22.53 -18.57 22.16
CA TYR B 509 -21.09 -18.21 22.23
C TYR B 509 -20.86 -16.93 21.44
N THR B 510 -19.89 -16.14 21.88
CA THR B 510 -19.65 -14.79 21.34
C THR B 510 -18.91 -14.85 20.01
N ILE B 511 -19.08 -13.80 19.23
CA ILE B 511 -18.28 -13.53 17.99
C ILE B 511 -17.48 -12.25 18.19
N VAL B 512 -18.16 -11.15 18.45
CA VAL B 512 -17.48 -9.89 18.79
C VAL B 512 -17.87 -9.54 20.21
N ASN B 513 -16.90 -9.54 21.10
CA ASN B 513 -17.15 -9.37 22.55
C ASN B 513 -16.62 -8.02 23.00
N ASN B 514 -17.44 -7.29 23.74
CA ASN B 514 -16.99 -6.03 24.37
C ASN B 514 -17.58 -5.85 25.76
N MET B 515 -18.02 -6.92 26.40
CA MET B 515 -18.29 -6.84 27.85
C MET B 515 -17.72 -8.06 28.55
N ASP B 516 -17.52 -7.92 29.86
CA ASP B 516 -17.23 -9.06 30.75
C ASP B 516 -18.45 -9.32 31.60
N THR B 517 -18.41 -10.41 32.35
CA THR B 517 -19.50 -10.73 33.29
C THR B 517 -19.64 -9.59 34.30
N ALA B 518 -20.88 -9.15 34.51
CA ALA B 518 -21.26 -8.05 35.43
C ALA B 518 -20.67 -6.71 34.98
N THR B 519 -20.24 -6.58 33.72
CA THR B 519 -19.73 -5.30 33.16
C THR B 519 -20.52 -4.99 31.90
N LYS B 520 -20.77 -3.71 31.65
CA LYS B 520 -21.55 -3.31 30.47
C LYS B 520 -20.73 -3.54 29.20
N GLY B 521 -21.42 -3.59 28.07
CA GLY B 521 -20.78 -3.74 26.76
C GLY B 521 -21.71 -4.31 25.72
N PHE B 522 -21.22 -4.32 24.49
CA PHE B 522 -21.99 -4.82 23.34
C PHE B 522 -21.39 -6.15 22.90
N LYS B 523 -22.25 -7.05 22.45
CA LYS B 523 -21.86 -8.43 22.14
C LYS B 523 -22.53 -8.90 20.86
N ILE B 524 -21.77 -9.57 20.02
CA ILE B 524 -22.32 -10.28 18.84
C ILE B 524 -22.13 -11.76 19.12
N SER B 525 -23.23 -12.51 19.17
CA SER B 525 -23.20 -13.92 19.58
C SER B 525 -24.06 -14.78 18.66
N ILE B 526 -23.81 -16.07 18.69
CA ILE B 526 -24.56 -17.09 17.91
C ILE B 526 -25.32 -17.95 18.90
N LYS B 527 -26.64 -18.05 18.72
CA LYS B 527 -27.50 -18.93 19.54
C LYS B 527 -28.17 -19.93 18.64
N ASN B 528 -27.99 -21.21 18.94
CA ASN B 528 -28.65 -22.35 18.26
C ASN B 528 -28.74 -22.07 16.76
N GLY B 529 -27.63 -21.62 16.18
CA GLY B 529 -27.51 -21.41 14.72
C GLY B 529 -27.99 -20.06 14.25
N ILE B 530 -28.54 -19.23 15.14
CA ILE B 530 -28.98 -17.85 14.79
C ILE B 530 -28.02 -16.86 15.45
N LEU B 531 -27.67 -15.81 14.71
CA LEU B 531 -26.80 -14.75 15.24
C LEU B 531 -27.68 -13.66 15.84
N LEU B 532 -27.15 -12.92 16.79
CA LEU B 532 -27.94 -11.84 17.45
C LEU B 532 -27.02 -10.80 18.05
N TRP B 533 -27.54 -9.59 18.13
CA TRP B 533 -26.84 -8.42 18.71
C TRP B 533 -27.27 -8.27 20.16
N THR B 534 -26.32 -8.03 21.02
CA THR B 534 -26.58 -7.91 22.47
C THR B 534 -26.04 -6.58 22.97
N LEU B 535 -26.80 -5.94 23.85
CA LEU B 535 -26.37 -4.69 24.54
C LEU B 535 -26.55 -4.90 26.03
N LYS B 536 -25.52 -4.58 26.81
CA LYS B 536 -25.62 -4.59 28.27
C LYS B 536 -25.56 -3.15 28.76
N GLY B 537 -26.59 -2.75 29.49
CA GLY B 537 -26.66 -1.45 30.16
C GLY B 537 -27.32 -1.58 31.51
N THR B 538 -28.32 -0.73 31.75
CA THR B 538 -29.21 -0.84 32.92
C THR B 538 -29.91 -2.21 32.89
N GLN B 539 -30.40 -2.61 31.72
CA GLN B 539 -30.92 -3.98 31.48
C GLN B 539 -30.34 -4.51 30.18
N GLN B 540 -29.93 -5.77 30.19
CA GLN B 540 -29.35 -6.44 29.01
C GLN B 540 -30.44 -6.56 27.94
N LYS B 541 -30.09 -6.19 26.72
CA LYS B 541 -31.02 -6.20 25.57
C LYS B 541 -30.39 -7.00 24.42
N THR B 542 -31.12 -7.99 23.92
CA THR B 542 -30.62 -8.91 22.89
C THR B 542 -31.56 -8.87 21.69
N ILE B 543 -31.02 -8.56 20.53
CA ILE B 543 -31.80 -8.44 19.27
C ILE B 543 -31.33 -9.53 18.33
N GLU B 544 -32.26 -10.32 17.83
CA GLU B 544 -31.93 -11.38 16.85
C GLU B 544 -31.55 -10.72 15.53
N ILE B 545 -30.79 -11.44 14.73
CA ILE B 545 -30.44 -10.97 13.38
C ILE B 545 -30.69 -12.10 12.40
N PRO B 546 -31.44 -11.86 11.31
CA PRO B 546 -31.67 -12.91 10.32
C PRO B 546 -30.54 -12.99 9.31
N LEU B 547 -29.75 -14.05 9.36
CA LEU B 547 -28.67 -14.24 8.37
C LEU B 547 -29.22 -14.85 7.08
N SER B 548 -30.48 -15.28 7.11
CA SER B 548 -31.19 -15.79 5.92
C SER B 548 -32.67 -15.88 6.26
N ASN B 549 -33.48 -16.43 5.36
CA ASN B 549 -34.87 -16.82 5.70
C ASN B 549 -34.84 -17.86 6.82
N THR B 550 -35.84 -17.79 7.69
CA THR B 550 -35.95 -18.65 8.92
C THR B 550 -34.80 -18.37 9.88
N LYS B 551 -34.05 -17.28 9.66
CA LYS B 551 -33.09 -16.73 10.65
C LYS B 551 -31.97 -17.73 10.92
N VAL B 552 -31.69 -18.63 9.99
CA VAL B 552 -30.64 -19.66 10.23
C VAL B 552 -29.53 -19.43 9.22
N SER B 553 -28.30 -19.60 9.68
CA SER B 553 -27.06 -19.43 8.89
C SER B 553 -27.12 -20.25 7.60
N ASP B 554 -26.73 -19.65 6.48
CA ASP B 554 -26.76 -20.32 5.16
C ASP B 554 -25.40 -20.26 4.49
N ASN B 555 -24.36 -19.83 5.20
CA ASN B 555 -22.97 -19.76 4.66
C ASN B 555 -22.91 -18.76 3.50
N ILE B 556 -23.81 -17.79 3.46
CA ILE B 556 -23.87 -16.82 2.33
C ILE B 556 -23.19 -15.53 2.80
N TRP B 557 -22.40 -14.91 1.94
CA TRP B 557 -21.77 -13.64 2.33
C TRP B 557 -22.86 -12.61 2.59
N ARG B 558 -22.99 -12.11 3.80
CA ARG B 558 -24.08 -11.17 4.17
C ARG B 558 -23.48 -9.89 4.74
N HIS B 559 -24.06 -8.74 4.39
CA HIS B 559 -23.63 -7.43 4.94
C HIS B 559 -24.50 -7.08 6.13
N VAL B 560 -24.28 -7.79 7.20
CA VAL B 560 -24.96 -7.40 8.44
C VAL B 560 -24.47 -6.01 8.81
N ALA B 561 -25.38 -5.16 9.22
CA ALA B 561 -25.05 -3.80 9.66
C ALA B 561 -25.92 -3.42 10.86
N ILE B 562 -25.44 -3.63 12.07
CA ILE B 562 -26.16 -3.14 13.27
C ILE B 562 -25.86 -1.67 13.32
N ILE B 563 -26.78 -0.89 12.81
CA ILE B 563 -26.47 0.51 12.48
C ILE B 563 -26.93 1.39 13.62
N ASN B 564 -28.23 1.45 13.81
CA ASN B 564 -28.79 2.49 14.68
C ASN B 564 -28.48 2.09 16.11
N ASN B 565 -27.83 2.99 16.84
CA ASN B 565 -27.79 2.98 18.31
C ASN B 565 -28.10 4.37 18.84
N LYS B 566 -29.04 5.05 18.18
CA LYS B 566 -29.40 6.46 18.45
C LYS B 566 -30.19 6.63 19.76
N ASP B 567 -30.34 5.57 20.54
CA ASP B 567 -31.06 5.58 21.85
C ASP B 567 -32.58 5.79 21.64
N GLY B 568 -33.04 5.99 20.40
CA GLY B 568 -34.45 6.00 20.00
C GLY B 568 -34.86 4.69 19.35
N ASN B 569 -33.94 4.11 18.58
CA ASN B 569 -34.21 2.87 17.82
C ASN B 569 -32.90 2.18 17.48
N CYS B 570 -32.96 0.88 17.27
CA CYS B 570 -31.80 0.05 16.84
C CYS B 570 -32.19 -0.74 15.62
N THR B 571 -32.10 -0.11 14.47
CA THR B 571 -32.47 -0.75 13.20
C THR B 571 -31.26 -1.53 12.69
N ILE B 572 -31.52 -2.63 12.02
CA ILE B 572 -30.47 -3.55 11.52
C ILE B 572 -30.72 -3.77 10.04
N TYR B 573 -29.68 -3.73 9.25
CA TYR B 573 -29.75 -3.93 7.79
C TYR B 573 -28.90 -5.14 7.43
N VAL B 574 -29.48 -6.32 7.41
CA VAL B 574 -28.76 -7.51 6.90
C VAL B 574 -28.40 -7.32 5.43
N ASP B 575 -29.28 -6.68 4.68
CA ASP B 575 -28.97 -6.21 3.31
C ASP B 575 -29.29 -4.72 3.27
N GLY B 576 -29.36 -4.15 2.08
CA GLY B 576 -29.81 -2.76 1.89
C GLY B 576 -31.15 -2.46 2.56
N ALA B 577 -31.86 -3.50 2.99
CA ALA B 577 -33.21 -3.39 3.58
C ALA B 577 -33.16 -3.76 5.06
N GLN B 578 -33.94 -3.03 5.86
CA GLN B 578 -34.03 -3.21 7.32
C GLN B 578 -34.70 -4.55 7.59
N LYS B 579 -34.25 -5.22 8.64
CA LYS B 579 -34.86 -6.50 9.10
C LYS B 579 -35.55 -6.32 10.45
N ASN B 580 -34.82 -5.88 11.46
CA ASN B 580 -35.39 -5.80 12.82
C ASN B 580 -35.00 -4.50 13.50
N ALA B 581 -35.78 -4.13 14.50
CA ALA B 581 -35.54 -2.90 15.28
C ALA B 581 -35.99 -3.08 16.71
N VAL B 582 -35.49 -2.20 17.57
CA VAL B 582 -35.88 -2.16 19.01
C VAL B 582 -35.70 -0.74 19.55
N SER B 583 -36.26 -0.48 20.71
CA SER B 583 -36.15 0.82 21.42
C SER B 583 -35.17 0.68 22.59
N LEU B 584 -34.33 1.68 22.78
CA LEU B 584 -33.24 1.65 23.79
C LEU B 584 -33.54 2.67 24.90
N SER B 585 -34.80 2.86 25.27
CA SER B 585 -35.17 3.78 26.38
C SER B 585 -34.63 3.25 27.71
N GLY B 586 -34.64 1.92 27.90
CA GLY B 586 -34.21 1.26 29.14
C GLY B 586 -32.74 1.56 29.44
N LEU B 587 -31.87 1.37 28.46
CA LEU B 587 -30.41 1.58 28.65
C LEU B 587 -30.10 3.07 28.50
N ASP B 588 -28.97 3.47 29.04
CA ASP B 588 -28.53 4.89 28.98
C ASP B 588 -27.11 5.03 28.43
N GLU B 589 -26.24 4.04 28.64
CA GLU B 589 -24.81 4.15 28.26
C GLU B 589 -24.22 2.76 28.12
N ILE B 590 -23.11 2.68 27.39
CA ILE B 590 -22.26 1.46 27.30
C ILE B 590 -20.83 1.91 27.57
N THR B 591 -20.42 1.89 28.83
CA THR B 591 -19.07 2.36 29.24
C THR B 591 -18.26 1.17 29.71
N ASN B 592 -17.21 0.85 28.97
CA ASN B 592 -16.32 -0.27 29.34
C ASN B 592 -14.93 0.03 28.79
N THR B 593 -13.92 -0.44 29.50
CA THR B 593 -12.51 -0.30 29.09
C THR B 593 -12.06 -1.56 28.36
N LEU B 594 -12.93 -2.57 28.26
CA LEU B 594 -12.54 -3.89 27.72
C LEU B 594 -12.33 -3.74 26.23
N PRO B 595 -11.17 -4.14 25.69
CA PRO B 595 -10.92 -4.03 24.26
C PRO B 595 -11.86 -4.91 23.45
N ILE B 596 -12.19 -4.44 22.26
CA ILE B 596 -13.09 -5.17 21.33
C ILE B 596 -12.36 -6.43 20.89
N THR B 597 -13.01 -7.57 21.10
CA THR B 597 -12.42 -8.89 20.86
C THR B 597 -13.22 -9.57 19.77
N LEU B 598 -12.50 -10.08 18.78
CA LEU B 598 -13.12 -10.92 17.75
C LEU B 598 -12.66 -12.34 18.00
N GLN B 599 -13.43 -13.11 18.74
CA GLN B 599 -13.02 -14.50 19.08
C GLN B 599 -14.24 -15.34 19.37
N LEU B 600 -14.17 -16.62 19.05
CA LEU B 600 -15.27 -17.58 19.36
C LEU B 600 -14.96 -18.20 20.71
N VAL B 601 -15.63 -17.71 21.74
CA VAL B 601 -15.42 -18.19 23.12
C VAL B 601 -16.70 -18.88 23.59
N GLY B 602 -16.60 -20.15 23.94
CA GLY B 602 -17.71 -20.95 24.47
C GLY B 602 -18.33 -21.86 23.44
N ASN B 603 -17.80 -21.93 22.22
CA ASN B 603 -18.38 -22.83 21.19
C ASN B 603 -17.97 -24.28 21.51
N LYS B 604 -18.93 -25.19 21.53
CA LYS B 604 -18.63 -26.63 21.74
C LYS B 604 -18.08 -27.25 20.46
N ASN B 605 -18.59 -26.82 19.32
CA ASN B 605 -18.07 -27.33 18.03
C ASN B 605 -16.72 -26.66 17.77
N LYS B 606 -15.73 -27.46 17.38
CA LYS B 606 -14.38 -26.94 17.07
C LYS B 606 -14.14 -26.93 15.56
N LYS B 607 -15.20 -26.94 14.75
CA LYS B 607 -15.05 -27.02 13.27
C LYS B 607 -15.76 -25.82 12.62
N GLN B 608 -15.91 -24.71 13.34
CA GLN B 608 -16.69 -23.57 12.85
C GLN B 608 -15.75 -22.43 12.43
N PHE B 609 -15.89 -21.98 11.19
CA PHE B 609 -15.12 -20.84 10.64
C PHE B 609 -16.08 -19.68 10.60
N ILE B 610 -15.77 -18.60 11.28
CA ILE B 610 -16.54 -17.35 11.09
C ILE B 610 -15.67 -16.37 10.34
N ARG B 611 -16.21 -15.76 9.31
CA ARG B 611 -15.41 -14.89 8.39
C ARG B 611 -15.86 -13.45 8.49
N LEU B 612 -14.93 -12.53 8.35
CA LEU B 612 -15.24 -11.07 8.32
C LEU B 612 -14.36 -10.41 7.29
N ASP B 613 -14.91 -9.42 6.60
CA ASP B 613 -14.14 -8.74 5.54
C ASP B 613 -13.99 -7.28 5.86
N GLN B 614 -15.08 -6.57 6.11
CA GLN B 614 -14.97 -5.12 6.36
C GLN B 614 -15.71 -4.77 7.64
N PHE B 615 -15.05 -4.91 8.76
CA PHE B 615 -15.64 -4.63 10.09
C PHE B 615 -15.42 -3.15 10.36
N ASN B 616 -16.44 -2.34 10.15
CA ASN B 616 -16.31 -0.88 10.24
C ASN B 616 -17.05 -0.38 11.47
N ILE B 617 -16.61 0.75 12.00
CA ILE B 617 -17.31 1.51 13.06
C ILE B 617 -17.55 2.91 12.52
N TYR B 618 -18.72 3.48 12.77
CA TYR B 618 -19.09 4.82 12.26
C TYR B 618 -19.49 5.71 13.44
N GLU B 619 -19.16 6.98 13.34
CA GLU B 619 -19.51 7.99 14.38
C GLU B 619 -21.02 8.21 14.40
N LYS B 620 -21.68 8.18 13.24
CA LYS B 620 -23.12 8.46 13.15
C LYS B 620 -23.92 7.15 13.22
N ALA B 621 -25.15 7.23 13.72
CA ALA B 621 -26.19 6.20 13.51
C ALA B 621 -26.72 6.37 12.09
N LEU B 622 -26.16 5.62 11.14
CA LEU B 622 -26.39 5.83 9.70
C LEU B 622 -27.91 5.84 9.43
N SER B 623 -28.36 6.72 8.57
CA SER B 623 -29.78 6.76 8.12
C SER B 623 -30.06 5.58 7.19
N GLN B 624 -31.33 5.28 6.98
CA GLN B 624 -31.78 4.24 6.03
C GLN B 624 -31.24 4.56 4.63
N THR B 625 -31.14 5.83 4.28
CA THR B 625 -30.59 6.26 2.98
C THR B 625 -29.10 5.87 2.91
N GLU B 626 -28.36 6.14 3.98
CA GLU B 626 -26.88 5.96 3.98
C GLU B 626 -26.56 4.47 3.81
N VAL B 627 -27.24 3.63 4.57
CA VAL B 627 -26.90 2.19 4.60
C VAL B 627 -27.19 1.59 3.22
N GLY B 628 -28.24 2.06 2.54
CA GLY B 628 -28.50 1.64 1.17
C GLY B 628 -27.33 2.01 0.27
N LYS B 629 -26.80 3.22 0.44
CA LYS B 629 -25.62 3.66 -0.32
C LYS B 629 -24.39 2.86 0.16
N LEU B 630 -24.28 2.65 1.46
CA LEU B 630 -23.14 1.87 2.02
C LEU B 630 -23.18 0.45 1.44
N PHE B 631 -24.34 -0.19 1.48
CA PHE B 631 -24.46 -1.60 1.02
C PHE B 631 -24.18 -1.62 -0.48
N SER B 632 -24.71 -0.67 -1.23
CA SER B 632 -24.61 -0.68 -2.70
C SER B 632 -23.22 -0.24 -3.13
N SER B 633 -22.44 0.34 -2.24
CA SER B 633 -21.07 0.78 -2.60
C SER B 633 -20.17 -0.42 -2.88
N TYR B 634 -20.34 -1.50 -2.14
CA TYR B 634 -19.49 -2.69 -2.28
C TYR B 634 -19.66 -3.27 -3.67
N PHE B 635 -20.91 -3.43 -4.09
CA PHE B 635 -21.20 -4.07 -5.38
C PHE B 635 -20.95 -3.08 -6.52
N LYS B 636 -20.52 -3.61 -7.65
CA LYS B 636 -20.38 -2.84 -8.90
C LYS B 636 -21.30 -3.44 -9.95
N ASP B 637 -21.69 -2.62 -10.92
CA ASP B 637 -22.61 -3.05 -12.01
C ASP B 637 -21.86 -3.90 -13.04
N SER B 638 -20.61 -4.28 -12.79
CA SER B 638 -19.75 -4.94 -13.78
C SER B 638 -19.21 -6.28 -13.26
N ASP B 639 -19.44 -6.61 -11.99
CA ASP B 639 -18.91 -7.88 -11.42
C ASP B 639 -20.00 -8.95 -11.42
N ILE B 640 -19.57 -10.18 -11.44
CA ILE B 640 -20.45 -11.36 -11.42
C ILE B 640 -19.99 -12.22 -10.24
N ARG B 641 -20.93 -12.71 -9.46
CA ARG B 641 -20.58 -13.46 -8.25
C ARG B 641 -21.19 -14.86 -8.33
N ASP B 642 -20.60 -15.81 -7.61
CA ASP B 642 -21.11 -17.20 -7.51
C ASP B 642 -22.23 -17.24 -6.47
N TYR B 643 -22.63 -18.44 -6.06
CA TYR B 643 -23.75 -18.65 -5.13
C TYR B 643 -23.52 -17.86 -3.84
N TRP B 644 -22.32 -17.88 -3.30
CA TRP B 644 -22.06 -17.26 -1.98
C TRP B 644 -21.57 -15.82 -2.10
N GLY B 645 -21.56 -15.25 -3.31
CA GLY B 645 -21.23 -13.84 -3.47
C GLY B 645 -19.78 -13.62 -3.77
N GLU B 646 -18.96 -14.66 -3.76
CA GLU B 646 -17.55 -14.49 -4.19
C GLU B 646 -17.57 -14.35 -5.70
N PRO B 647 -16.69 -13.54 -6.30
CA PRO B 647 -16.67 -13.40 -7.73
C PRO B 647 -16.22 -14.68 -8.44
N LEU B 648 -16.75 -14.87 -9.64
CA LEU B 648 -16.39 -16.03 -10.49
C LEU B 648 -14.88 -15.99 -10.73
N ALA B 649 -14.32 -17.13 -10.98
CA ALA B 649 -12.89 -17.24 -11.30
C ALA B 649 -12.70 -18.32 -12.34
N TYR B 650 -11.79 -18.10 -13.25
CA TYR B 650 -11.45 -19.11 -14.27
C TYR B 650 -10.82 -20.29 -13.55
N ASN B 651 -11.10 -21.49 -14.06
CA ASN B 651 -10.51 -22.75 -13.52
C ASN B 651 -10.89 -22.92 -12.04
N LYS B 652 -12.05 -22.42 -11.64
CA LYS B 652 -12.65 -22.80 -10.36
C LYS B 652 -13.83 -23.71 -10.67
N THR B 653 -13.86 -24.86 -10.01
CA THR B 653 -14.85 -25.92 -10.29
C THR B 653 -16.12 -25.65 -9.49
N TYR B 654 -17.19 -25.27 -10.17
CA TYR B 654 -18.49 -25.01 -9.52
C TYR B 654 -19.62 -25.41 -10.44
N ASN B 655 -20.53 -26.19 -9.88
CA ASN B 655 -21.73 -26.65 -10.60
C ASN B 655 -22.84 -25.63 -10.46
N MET B 656 -23.66 -25.51 -11.50
CA MET B 656 -24.70 -24.45 -11.61
C MET B 656 -26.07 -25.09 -11.51
N ILE B 657 -26.95 -24.50 -10.70
CA ILE B 657 -28.36 -24.93 -10.59
C ILE B 657 -29.26 -23.74 -10.89
N ASN B 658 -30.48 -24.01 -11.34
CA ASN B 658 -31.45 -22.97 -11.76
C ASN B 658 -32.09 -22.33 -10.53
N ILE B 659 -32.91 -21.32 -10.75
CA ILE B 659 -33.54 -20.59 -9.63
C ILE B 659 -34.88 -21.27 -9.31
N ALA B 660 -35.71 -21.48 -10.33
CA ALA B 660 -37.08 -22.02 -10.13
C ALA B 660 -36.97 -23.48 -9.71
N TYR B 661 -36.11 -24.23 -10.40
CA TYR B 661 -35.92 -25.66 -10.14
C TYR B 661 -34.73 -25.86 -9.22
N GLN B 662 -34.94 -25.52 -7.96
CA GLN B 662 -33.90 -25.62 -6.91
C GLN B 662 -33.59 -27.09 -6.63
N GLY B 663 -32.34 -27.38 -6.36
CA GLY B 663 -31.91 -28.73 -5.96
C GLY B 663 -31.70 -29.66 -7.15
N ARG B 664 -31.84 -29.19 -8.38
CA ARG B 664 -31.72 -30.08 -9.56
C ARG B 664 -30.49 -29.62 -10.35
N GLY B 665 -29.49 -30.47 -10.42
CA GLY B 665 -28.25 -30.19 -11.17
C GLY B 665 -28.38 -30.46 -12.65
N LEU B 666 -27.29 -30.29 -13.36
CA LEU B 666 -27.21 -30.52 -14.82
C LEU B 666 -26.86 -31.99 -15.06
N GLN B 667 -27.70 -32.69 -15.83
CA GLN B 667 -27.36 -34.03 -16.33
C GLN B 667 -27.53 -34.06 -17.84
N SER B 668 -26.83 -34.99 -18.48
CA SER B 668 -26.90 -35.21 -19.94
C SER B 668 -27.99 -36.24 -20.21
N THR B 669 -29.03 -35.84 -20.92
CA THR B 669 -30.09 -36.76 -21.42
C THR B 669 -29.57 -37.49 -22.67
N ASN B 670 -30.49 -38.07 -23.44
CA ASN B 670 -30.20 -38.76 -24.73
C ASN B 670 -29.15 -37.97 -25.53
N ASN B 671 -29.45 -36.72 -25.87
CA ASN B 671 -28.52 -35.93 -26.71
C ASN B 671 -28.50 -34.45 -26.33
N LYS B 672 -28.98 -34.09 -25.15
CA LYS B 672 -29.15 -32.66 -24.77
C LYS B 672 -28.66 -32.45 -23.34
N ILE B 673 -28.85 -31.24 -22.83
CA ILE B 673 -28.63 -30.92 -21.39
C ILE B 673 -30.00 -30.83 -20.71
N SER B 674 -30.13 -31.54 -19.59
CA SER B 674 -31.40 -31.62 -18.84
C SER B 674 -31.12 -31.39 -17.35
N LEU B 675 -32.17 -31.39 -16.56
CA LEU B 675 -32.07 -31.26 -15.10
C LEU B 675 -32.43 -32.60 -14.46
N GLN B 676 -31.56 -33.09 -13.59
CA GLN B 676 -31.80 -34.35 -12.87
C GLN B 676 -32.91 -34.15 -11.85
N PRO B 677 -33.61 -35.23 -11.45
CA PRO B 677 -34.63 -35.12 -10.42
C PRO B 677 -34.04 -34.59 -9.10
N LYS B 678 -34.83 -33.76 -8.43
CA LYS B 678 -34.41 -33.07 -7.20
C LYS B 678 -34.11 -34.12 -6.11
N ALA B 679 -32.97 -33.96 -5.43
CA ALA B 679 -32.61 -34.70 -4.21
C ALA B 679 -32.57 -33.70 -3.05
N VAL B 680 -33.36 -33.98 -2.03
CA VAL B 680 -33.56 -33.06 -0.89
C VAL B 680 -33.05 -33.78 0.36
N PHE B 681 -32.27 -33.06 1.16
CA PHE B 681 -31.56 -33.65 2.31
C PHE B 681 -31.95 -32.89 3.57
N ASP B 682 -31.59 -33.49 4.70
CA ASP B 682 -31.86 -32.93 6.04
C ASP B 682 -30.65 -32.13 6.48
N PRO B 683 -30.76 -30.80 6.62
CA PRO B 683 -29.61 -29.99 7.03
C PRO B 683 -29.16 -30.28 8.46
N THR B 684 -30.09 -30.27 9.41
CA THR B 684 -29.80 -30.38 10.86
C THR B 684 -30.13 -31.78 11.38
N GLY B 685 -31.14 -32.45 10.83
CA GLY B 685 -31.52 -33.81 11.24
C GLY B 685 -32.79 -33.86 12.08
N ASP B 686 -33.64 -32.83 12.03
CA ASP B 686 -34.89 -32.79 12.84
C ASP B 686 -36.08 -32.45 11.94
N GLY B 687 -36.59 -33.45 11.22
CA GLY B 687 -37.85 -33.40 10.43
C GLY B 687 -37.96 -32.23 9.46
N SER B 688 -36.84 -31.64 9.03
CA SER B 688 -36.81 -30.53 8.04
C SER B 688 -35.89 -30.92 6.90
N TYR B 689 -36.34 -30.74 5.68
CA TYR B 689 -35.60 -31.14 4.46
C TYR B 689 -35.46 -29.94 3.53
N ILE B 690 -34.25 -29.69 3.05
CA ILE B 690 -33.95 -28.56 2.14
C ILE B 690 -33.17 -29.10 0.95
N PRO B 691 -33.21 -28.44 -0.22
CA PRO B 691 -32.55 -28.97 -1.41
C PRO B 691 -31.03 -29.07 -1.25
N ARG B 692 -30.46 -30.07 -1.90
CA ARG B 692 -28.99 -30.22 -2.00
C ARG B 692 -28.43 -29.25 -3.04
N LEU B 693 -27.16 -28.90 -2.89
CA LEU B 693 -26.49 -27.89 -3.76
C LEU B 693 -25.53 -28.58 -4.70
N TYR B 694 -24.59 -29.38 -4.21
CA TYR B 694 -23.51 -29.91 -5.09
C TYR B 694 -24.08 -31.02 -5.98
N ARG B 695 -24.93 -30.65 -6.92
CA ARG B 695 -25.56 -31.62 -7.84
C ARG B 695 -25.21 -31.23 -9.27
N GLY B 696 -25.11 -32.23 -10.13
CA GLY B 696 -24.89 -32.05 -11.57
C GLY B 696 -23.43 -32.07 -11.94
N TYR B 697 -23.15 -31.71 -13.18
CA TYR B 697 -21.77 -31.73 -13.73
C TYR B 697 -20.91 -30.73 -12.96
N ASP B 698 -19.75 -31.17 -12.54
CA ASP B 698 -18.69 -30.28 -12.00
C ASP B 698 -18.06 -29.56 -13.19
N VAL B 699 -18.36 -28.28 -13.32
CA VAL B 699 -18.02 -27.53 -14.55
C VAL B 699 -17.25 -26.29 -14.17
N LEU B 700 -16.31 -25.90 -15.03
CA LEU B 700 -15.54 -24.65 -14.88
C LEU B 700 -15.81 -23.79 -16.11
N LEU B 701 -15.16 -22.65 -16.14
CA LEU B 701 -15.32 -21.68 -17.25
C LEU B 701 -14.02 -20.94 -17.48
N GLN B 702 -13.68 -20.77 -18.73
CA GLN B 702 -12.38 -20.21 -19.15
C GLN B 702 -12.62 -19.12 -20.18
N LYS B 703 -11.75 -18.14 -20.19
CA LYS B 703 -11.86 -17.02 -21.15
C LYS B 703 -11.77 -17.57 -22.56
N ASP B 704 -12.68 -17.13 -23.42
CA ASP B 704 -12.75 -17.60 -24.82
C ASP B 704 -11.56 -17.07 -25.61
N SER B 705 -11.21 -17.79 -26.68
CA SER B 705 -10.16 -17.39 -27.65
C SER B 705 -10.49 -16.05 -28.29
N GLN B 706 -11.75 -15.84 -28.65
CA GLN B 706 -12.20 -14.61 -29.34
C GLN B 706 -12.33 -13.46 -28.33
N SER B 707 -12.15 -13.69 -27.03
CA SER B 707 -12.28 -12.63 -25.98
C SER B 707 -10.91 -12.02 -25.69
N LYS B 708 -10.59 -10.87 -26.28
CA LYS B 708 -9.27 -10.19 -26.11
C LYS B 708 -9.01 -9.77 -24.66
N THR B 709 -9.97 -9.16 -23.98
CA THR B 709 -9.79 -8.62 -22.59
C THR B 709 -8.80 -9.51 -21.85
N THR B 710 -7.70 -8.96 -21.36
CA THR B 710 -6.63 -9.78 -20.75
C THR B 710 -6.78 -9.79 -19.23
N ASP B 711 -7.97 -9.53 -18.71
CA ASP B 711 -8.18 -9.50 -17.24
C ASP B 711 -8.06 -10.92 -16.70
N ILE B 712 -7.72 -11.04 -15.44
CA ILE B 712 -7.48 -12.38 -14.81
C ILE B 712 -8.80 -12.99 -14.35
N MET B 713 -9.72 -12.18 -13.84
CA MET B 713 -11.02 -12.68 -13.38
C MET B 713 -12.12 -12.29 -14.36
N PRO B 714 -13.17 -13.11 -14.54
CA PRO B 714 -14.29 -12.79 -15.44
C PRO B 714 -15.01 -11.47 -15.13
N LYS B 715 -15.79 -11.01 -16.10
CA LYS B 715 -16.43 -9.67 -16.07
C LYS B 715 -17.85 -9.78 -16.63
N LYS B 716 -18.70 -8.79 -16.38
CA LYS B 716 -20.02 -8.77 -17.01
C LYS B 716 -19.82 -8.50 -18.50
N ASP B 717 -19.18 -9.40 -19.21
CA ASP B 717 -18.59 -9.15 -20.55
C ASP B 717 -17.55 -10.26 -20.68
N ASP B 718 -16.52 -10.09 -21.48
CA ASP B 718 -15.41 -11.07 -21.49
C ASP B 718 -16.05 -12.44 -21.65
N LEU B 719 -16.81 -12.63 -22.71
CA LEU B 719 -17.62 -13.86 -22.84
C LEU B 719 -16.73 -15.08 -22.60
N ILE B 720 -17.22 -16.05 -21.85
CA ILE B 720 -16.38 -17.20 -21.40
C ILE B 720 -17.06 -18.53 -21.66
N ASN B 721 -16.31 -19.36 -22.36
CA ASN B 721 -16.66 -20.75 -22.69
C ASN B 721 -16.87 -21.53 -21.38
N ILE B 722 -17.83 -22.44 -21.40
CA ILE B 722 -18.13 -23.30 -20.22
C ILE B 722 -17.66 -24.70 -20.56
N LYS B 723 -16.71 -25.19 -19.76
CA LYS B 723 -16.09 -26.51 -20.00
C LYS B 723 -16.24 -27.36 -18.75
N LEU B 724 -16.68 -28.59 -18.94
CA LEU B 724 -16.79 -29.57 -17.83
C LEU B 724 -15.40 -29.84 -17.27
N LYS B 725 -15.31 -29.99 -15.95
CA LYS B 725 -14.02 -30.31 -15.28
C LYS B 725 -13.62 -31.74 -15.64
N SER B 726 -14.60 -32.64 -15.74
CA SER B 726 -14.36 -34.10 -15.93
C SER B 726 -13.53 -34.34 -17.19
N GLY B 727 -13.87 -33.68 -18.29
CA GLY B 727 -13.15 -33.85 -19.57
C GLY B 727 -13.30 -32.65 -20.46
N HIS B 728 -12.72 -32.71 -21.66
CA HIS B 728 -12.86 -31.66 -22.70
C HIS B 728 -14.31 -31.62 -23.18
N ASN B 729 -15.23 -31.15 -22.35
CA ASN B 729 -16.67 -31.03 -22.70
C ASN B 729 -17.06 -29.56 -22.60
N PHE B 730 -17.66 -29.00 -23.64
CA PHE B 730 -18.02 -27.56 -23.66
C PHE B 730 -19.53 -27.40 -23.79
N VAL B 731 -20.16 -26.62 -22.91
CA VAL B 731 -21.60 -26.27 -23.05
C VAL B 731 -21.75 -25.35 -24.25
N GLY B 732 -22.45 -25.81 -25.28
CA GLY B 732 -22.68 -25.01 -26.50
C GLY B 732 -23.85 -25.52 -27.30
N PHE B 733 -24.02 -24.98 -28.49
CA PHE B 733 -25.13 -25.32 -29.40
C PHE B 733 -24.60 -26.08 -30.59
N ASN B 734 -25.51 -26.75 -31.28
CA ASN B 734 -25.21 -27.38 -32.58
C ASN B 734 -25.04 -26.28 -33.63
N SER B 735 -24.26 -26.59 -34.66
CA SER B 735 -24.06 -25.67 -35.81
C SER B 735 -25.40 -25.40 -36.52
N THR B 736 -26.28 -26.40 -36.59
CA THR B 736 -27.55 -26.32 -37.34
C THR B 736 -28.72 -26.25 -36.35
N ILE B 737 -29.18 -25.04 -36.06
CA ILE B 737 -30.35 -24.81 -35.16
C ILE B 737 -31.36 -23.94 -35.92
N ASP B 738 -32.62 -24.29 -35.84
CA ASP B 738 -33.72 -23.51 -36.47
C ASP B 738 -34.65 -22.97 -35.37
N THR B 739 -35.29 -23.87 -34.65
CA THR B 739 -36.27 -23.51 -33.60
C THR B 739 -35.98 -24.28 -32.33
N SER B 740 -35.53 -25.52 -32.42
CA SER B 740 -35.14 -26.35 -31.24
C SER B 740 -33.78 -25.87 -30.74
N GLN B 741 -33.74 -24.67 -30.15
CA GLN B 741 -32.50 -24.03 -29.65
C GLN B 741 -32.17 -24.67 -28.29
N LYS B 742 -31.95 -25.97 -28.30
CA LYS B 742 -31.48 -26.72 -27.12
C LYS B 742 -29.96 -26.79 -27.16
N TYR B 743 -29.35 -27.20 -26.05
CA TYR B 743 -27.87 -27.25 -25.92
C TYR B 743 -27.34 -28.60 -26.36
N LEU B 744 -26.51 -28.60 -27.39
CA LEU B 744 -25.88 -29.84 -27.90
C LEU B 744 -25.00 -30.43 -26.80
N LYS B 745 -24.28 -29.61 -26.04
CA LYS B 745 -23.30 -30.12 -25.06
C LYS B 745 -22.43 -31.13 -25.78
N LEU B 746 -21.98 -30.75 -26.96
CA LEU B 746 -21.30 -31.66 -27.91
C LEU B 746 -20.06 -32.28 -27.27
N THR B 747 -19.28 -31.52 -26.50
CA THR B 747 -17.96 -31.99 -25.99
C THR B 747 -17.01 -32.06 -27.18
N THR B 748 -17.43 -31.53 -28.32
CA THR B 748 -16.68 -31.64 -29.58
C THR B 748 -16.22 -30.25 -30.01
N ALA B 749 -14.94 -30.09 -30.25
CA ALA B 749 -14.40 -28.89 -30.91
C ALA B 749 -13.18 -29.31 -31.74
N LEU B 750 -13.10 -30.59 -32.07
CA LEU B 750 -11.90 -31.18 -32.68
C LEU B 750 -12.20 -31.59 -34.12
N LEU B 751 -13.17 -32.48 -34.32
CA LEU B 751 -13.41 -33.11 -35.64
C LEU B 751 -14.73 -32.60 -36.20
N SER B 752 -14.64 -31.73 -37.21
CA SER B 752 -15.78 -31.23 -38.01
C SER B 752 -16.78 -30.44 -37.16
N GLU B 753 -16.44 -30.09 -35.91
CA GLU B 753 -17.39 -29.38 -35.02
C GLU B 753 -16.70 -28.16 -34.38
N VAL B 754 -15.78 -27.55 -35.10
CA VAL B 754 -15.19 -26.25 -34.67
C VAL B 754 -16.28 -25.16 -34.68
N ASP B 755 -17.30 -25.33 -35.50
CA ASP B 755 -18.42 -24.36 -35.66
C ASP B 755 -19.43 -24.59 -34.53
N ASP B 756 -19.00 -24.38 -33.30
CA ASP B 756 -19.90 -24.54 -32.13
C ASP B 756 -19.90 -23.25 -31.35
N PRO B 757 -21.10 -22.63 -31.14
CA PRO B 757 -21.21 -21.34 -30.48
C PRO B 757 -21.19 -21.56 -28.97
N LYS B 758 -19.98 -21.69 -28.43
CA LYS B 758 -19.76 -22.01 -27.01
C LYS B 758 -19.41 -20.74 -26.23
N GLY B 759 -19.55 -19.56 -26.84
CA GLY B 759 -19.24 -18.27 -26.19
C GLY B 759 -20.45 -17.67 -25.51
N PHE B 760 -20.41 -17.57 -24.19
CA PHE B 760 -21.56 -17.02 -23.43
C PHE B 760 -21.11 -15.79 -22.65
N LYS B 761 -22.06 -14.99 -22.20
CA LYS B 761 -21.77 -13.69 -21.54
C LYS B 761 -22.52 -13.64 -20.24
N LEU B 762 -21.87 -14.16 -19.20
CA LEU B 762 -22.49 -14.22 -17.86
C LEU B 762 -22.59 -12.81 -17.30
N MET B 763 -23.72 -12.47 -16.68
CA MET B 763 -23.96 -11.10 -16.23
C MET B 763 -25.18 -11.06 -15.35
N SER B 764 -25.16 -10.18 -14.36
CA SER B 764 -26.16 -10.14 -13.28
C SER B 764 -26.72 -8.74 -13.17
N LEU B 765 -28.00 -8.58 -13.42
CA LEU B 765 -28.60 -7.23 -13.56
C LEU B 765 -28.78 -6.66 -12.15
N LYS B 766 -29.44 -7.39 -11.27
CA LYS B 766 -29.85 -6.84 -9.97
C LYS B 766 -28.69 -6.98 -8.96
N LYS B 767 -27.67 -7.76 -9.30
CA LYS B 767 -26.41 -7.88 -8.51
C LYS B 767 -26.71 -8.58 -7.18
N ASP B 768 -27.30 -9.77 -7.23
CA ASP B 768 -27.62 -10.59 -6.03
C ASP B 768 -27.18 -12.03 -6.27
N ASN B 769 -25.96 -12.20 -6.74
CA ASN B 769 -25.32 -13.54 -6.85
C ASN B 769 -26.14 -14.42 -7.80
N TRP B 770 -26.90 -13.82 -8.71
CA TRP B 770 -27.74 -14.57 -9.66
C TRP B 770 -27.18 -14.40 -11.04
N ILE B 771 -26.45 -15.37 -11.53
CA ILE B 771 -25.84 -15.27 -12.87
C ILE B 771 -26.89 -15.51 -13.93
N GLN B 772 -26.94 -14.62 -14.92
CA GLN B 772 -27.88 -14.73 -16.05
C GLN B 772 -27.06 -14.88 -17.32
N ILE B 773 -27.00 -16.10 -17.84
CA ILE B 773 -26.10 -16.44 -18.96
C ILE B 773 -26.72 -15.91 -20.24
N LYS B 774 -26.15 -14.84 -20.79
CA LYS B 774 -26.66 -14.20 -22.03
C LYS B 774 -25.80 -14.63 -23.20
N LYS B 775 -26.43 -14.99 -24.29
CA LYS B 775 -25.72 -15.32 -25.54
C LYS B 775 -26.22 -14.40 -26.65
N GLU B 776 -25.30 -13.81 -27.40
CA GLU B 776 -25.65 -12.84 -28.47
C GLU B 776 -26.08 -13.57 -29.74
N THR B 777 -26.69 -12.83 -30.65
CA THR B 777 -27.15 -13.37 -31.94
C THR B 777 -25.93 -13.76 -32.79
N TRP B 778 -25.99 -14.95 -33.37
CA TRP B 778 -24.89 -15.44 -34.23
C TRP B 778 -25.46 -16.00 -35.52
N MET B 779 -24.63 -15.97 -36.55
CA MET B 779 -24.99 -16.45 -37.90
C MET B 779 -24.93 -17.98 -37.88
N SER B 780 -26.03 -18.59 -37.44
CA SER B 780 -26.11 -20.07 -37.29
C SER B 780 -25.89 -20.74 -38.65
N LYS B 781 -25.15 -21.84 -38.64
CA LYS B 781 -24.87 -22.60 -39.87
C LYS B 781 -26.18 -23.14 -40.44
N ASN B 782 -26.21 -23.37 -41.76
CA ASN B 782 -27.39 -23.76 -42.59
C ASN B 782 -28.11 -22.49 -43.08
N GLY B 783 -27.69 -21.30 -42.63
CA GLY B 783 -28.19 -20.02 -43.17
C GLY B 783 -29.19 -19.34 -42.26
N ASN B 784 -29.65 -19.98 -41.18
CA ASN B 784 -30.65 -19.36 -40.28
C ASN B 784 -29.97 -18.28 -39.43
N VAL B 785 -30.73 -17.27 -39.05
CA VAL B 785 -30.28 -16.25 -38.06
C VAL B 785 -31.08 -16.45 -36.77
N ILE B 786 -30.38 -16.70 -35.69
CA ILE B 786 -30.99 -17.05 -34.39
C ILE B 786 -30.85 -15.84 -33.47
N PRO B 787 -31.96 -15.32 -32.91
CA PRO B 787 -31.88 -14.15 -32.05
C PRO B 787 -31.20 -14.39 -30.70
N GLN B 788 -30.67 -13.32 -30.15
CA GLN B 788 -29.97 -13.30 -28.84
C GLN B 788 -30.98 -13.64 -27.74
N GLY B 789 -30.51 -14.35 -26.73
CA GLY B 789 -31.31 -14.59 -25.51
C GLY B 789 -30.52 -15.35 -24.47
N LEU B 790 -31.01 -15.32 -23.24
CA LEU B 790 -30.42 -16.03 -22.10
C LEU B 790 -30.73 -17.53 -22.19
N VAL B 791 -30.39 -18.23 -21.12
CA VAL B 791 -30.61 -19.68 -20.94
C VAL B 791 -31.76 -19.88 -19.97
N GLY B 792 -32.70 -20.72 -20.33
CA GLY B 792 -33.85 -20.99 -19.46
C GLY B 792 -34.14 -22.47 -19.36
N LYS B 793 -35.39 -22.78 -19.06
CA LYS B 793 -35.84 -24.19 -18.92
C LYS B 793 -37.08 -24.37 -19.79
N ARG B 794 -37.12 -25.48 -20.51
CA ARG B 794 -38.30 -25.89 -21.31
C ARG B 794 -38.50 -27.36 -21.02
N SER B 795 -39.71 -27.78 -20.69
CA SER B 795 -39.94 -29.19 -20.28
C SER B 795 -40.62 -29.97 -21.40
N VAL B 796 -40.00 -31.07 -21.82
CA VAL B 796 -40.60 -31.98 -22.83
C VAL B 796 -40.92 -33.28 -22.12
N ASP B 797 -42.16 -33.74 -22.22
CA ASP B 797 -42.62 -34.95 -21.49
C ASP B 797 -42.37 -34.71 -19.99
N SER B 798 -41.71 -35.66 -19.31
CA SER B 798 -41.38 -35.58 -17.86
C SER B 798 -40.03 -34.88 -17.65
N ASP B 799 -39.29 -34.55 -18.73
CA ASP B 799 -37.88 -34.12 -18.62
C ASP B 799 -37.78 -32.64 -19.01
N VAL B 800 -37.13 -31.86 -18.16
CA VAL B 800 -36.89 -30.41 -18.42
C VAL B 800 -35.71 -30.33 -19.40
N TYR B 801 -35.42 -29.15 -19.91
CA TYR B 801 -34.35 -28.94 -20.92
C TYR B 801 -33.85 -27.52 -20.82
N LEU B 802 -32.56 -27.35 -21.10
CA LEU B 802 -31.92 -26.02 -21.12
C LEU B 802 -32.16 -25.38 -22.49
N TYR B 803 -33.04 -24.39 -22.53
CA TYR B 803 -33.52 -23.77 -23.79
C TYR B 803 -33.03 -22.33 -23.85
N LEU B 804 -32.61 -21.90 -25.03
CA LEU B 804 -32.21 -20.49 -25.25
C LEU B 804 -33.46 -19.70 -25.62
N TRP B 805 -34.08 -19.05 -24.65
CA TRP B 805 -35.29 -18.24 -24.91
C TRP B 805 -34.90 -16.85 -25.39
N ASP B 806 -35.72 -16.27 -26.25
CA ASP B 806 -35.42 -14.97 -26.88
C ASP B 806 -35.41 -13.89 -25.80
N TRP B 807 -34.51 -12.92 -25.95
CA TRP B 807 -34.35 -11.80 -24.99
C TRP B 807 -33.51 -10.71 -25.64
N GLU B 808 -33.93 -9.46 -25.50
CA GLU B 808 -33.23 -8.33 -26.15
C GLU B 808 -32.60 -7.44 -25.09
N THR B 809 -33.38 -6.90 -24.16
CA THR B 809 -32.86 -5.96 -23.15
C THR B 809 -33.68 -6.09 -21.86
N GLU B 810 -33.36 -5.26 -20.87
CA GLU B 810 -33.80 -5.46 -19.47
C GLU B 810 -35.32 -5.36 -19.36
N LYS B 811 -36.02 -4.72 -20.31
CA LYS B 811 -37.50 -4.62 -20.23
C LYS B 811 -38.17 -6.00 -20.34
N ASP B 812 -37.47 -6.99 -20.89
CA ASP B 812 -38.03 -8.36 -20.98
C ASP B 812 -37.97 -9.02 -19.60
N ASP B 813 -38.55 -10.20 -19.48
CA ASP B 813 -38.60 -10.94 -18.19
C ASP B 813 -37.44 -11.94 -18.15
N TYR B 814 -36.33 -11.53 -17.54
CA TYR B 814 -35.15 -12.40 -17.34
C TYR B 814 -35.36 -13.28 -16.12
N SER B 815 -36.38 -13.05 -15.31
CA SER B 815 -36.63 -13.89 -14.11
C SER B 815 -36.93 -15.32 -14.55
N GLU B 816 -36.59 -16.28 -13.67
CA GLU B 816 -36.75 -17.74 -13.92
C GLU B 816 -35.84 -18.17 -15.07
N LYS B 817 -34.89 -17.32 -15.47
CA LYS B 817 -33.92 -17.69 -16.52
C LYS B 817 -32.50 -17.52 -15.99
N GLN B 818 -32.35 -17.44 -14.66
CA GLN B 818 -31.06 -17.15 -14.04
C GLN B 818 -30.37 -18.46 -13.64
N TRP B 819 -29.19 -18.36 -13.05
CA TRP B 819 -28.42 -19.51 -12.57
C TRP B 819 -27.63 -19.10 -11.34
N SER B 820 -27.25 -20.09 -10.54
CA SER B 820 -26.38 -19.90 -9.36
C SER B 820 -25.22 -20.88 -9.44
N PHE B 821 -23.99 -20.38 -9.36
CA PHE B 821 -22.78 -21.22 -9.42
C PHE B 821 -22.29 -21.56 -8.01
N ILE B 822 -22.23 -22.84 -7.68
CA ILE B 822 -21.94 -23.32 -6.31
C ILE B 822 -20.63 -24.08 -6.31
N CYS B 823 -19.66 -23.67 -5.51
CA CYS B 823 -18.32 -24.29 -5.45
C CYS B 823 -18.01 -24.80 -4.05
N GLN B 824 -18.30 -26.05 -3.79
CA GLN B 824 -17.83 -26.76 -2.58
C GLN B 824 -17.98 -25.90 -1.32
N ASP B 825 -16.85 -25.44 -0.76
CA ASP B 825 -16.81 -24.67 0.50
C ASP B 825 -17.02 -25.60 1.71
N GLU B 826 -16.39 -25.24 2.84
CA GLU B 826 -16.38 -26.08 4.06
C GLU B 826 -17.38 -25.53 5.07
N GLY B 827 -18.42 -24.85 4.63
CA GLY B 827 -19.49 -24.41 5.54
C GLY B 827 -20.81 -25.06 5.19
N TRP B 828 -20.84 -25.79 4.08
CA TRP B 828 -22.06 -26.41 3.54
C TRP B 828 -21.69 -27.83 3.16
N ILE B 829 -22.08 -28.78 4.00
CA ILE B 829 -21.83 -30.22 3.73
C ILE B 829 -23.12 -30.83 3.22
N ASP B 830 -23.05 -31.51 2.10
CA ASP B 830 -24.21 -32.19 1.48
C ASP B 830 -24.14 -33.68 1.79
N SER B 831 -24.66 -34.06 2.96
CA SER B 831 -24.63 -35.45 3.45
C SER B 831 -25.76 -35.64 4.46
N ASP B 832 -25.92 -36.87 4.95
CA ASP B 832 -26.99 -37.26 5.90
C ASP B 832 -26.80 -36.50 7.23
#